data_6S9J
#
_entry.id   6S9J
#
_cell.length_a   104.626
_cell.length_b   104.626
_cell.length_c   281.363
_cell.angle_alpha   90.00
_cell.angle_beta   90.00
_cell.angle_gamma   90.00
#
_symmetry.space_group_name_H-M   'P 43 2 2'
#
loop_
_entity.id
_entity.type
_entity.pdbx_description
1 polymer 'Pre-glycoprotein polyprotein GP complex'
2 polymer 'Transferrin receptor 1,Transferrin receptor 1'
3 branched alpha-D-mannopyranose-(1-3)-[alpha-D-mannopyranose-(1-6)]beta-D-mannopyranose-(1-4)-2-acetamido-2-deoxy-beta-D-glucopyranose-(1-4)-2-acetamido-2-deoxy-beta-D-glucopyranose
4 branched 2-acetamido-2-deoxy-beta-D-glucopyranose-(1-4)-2-acetamido-2-deoxy-beta-D-glucopyranose
5 non-polymer 2-acetamido-2-deoxy-beta-D-glucopyranose
6 water water
#
loop_
_entity_poly.entity_id
_entity_poly.type
_entity_poly.pdbx_seq_one_letter_code
_entity_poly.pdbx_strand_id
1 'polypeptide(L)'
;SNELPSLCMLNNSFYYMRGGVNTFLIRVSDISVLMKEYDVSIYEPEDLGNCLNKSDSSWAIHWFSNALGHDWLMDPPMLC
RNKTKKEGSNIQFNISKADDARVYGKKIRNGMRHLFRGFHDPCEEGKVCYLTINQCGDPSSFDYCGVNHLSKCQFDHVNT
GSHHHHHH
;
B,D,F,H
2 'polypeptide(L)'
;KIQVKCSAPNSVTITNASGGLYLVEYPEGYVAYSKATEVTGKLVHANFGTKKDFEDLDYAVNGSIVIVRAGKITIAEKVA
NAQSFNAIGVLIYKDRTKYPISRADEPLQGHSGLPSIPVQTISREAAEKLFQNMERDCPRSWNTDSSCKLELLQNRNVKL
TVNNCLKEGTSGHHHHHH
;
A,C,E,G
#
loop_
_chem_comp.id
_chem_comp.type
_chem_comp.name
_chem_comp.formula
BMA D-saccharide, beta linking beta-D-mannopyranose 'C6 H12 O6'
MAN D-saccharide, alpha linking alpha-D-mannopyranose 'C6 H12 O6'
NAG D-saccharide, beta linking 2-acetamido-2-deoxy-beta-D-glucopyranose 'C8 H15 N O6'
#
# COMPACT_ATOMS: atom_id res chain seq x y z
N GLU A 3 4.73 1.40 -28.91
CA GLU A 3 6.03 1.08 -29.49
C GLU A 3 7.15 1.35 -28.50
N LEU A 4 8.43 1.35 -29.02
CA LEU A 4 9.66 1.65 -28.30
C LEU A 4 10.08 3.09 -28.54
N PRO A 5 10.70 3.70 -27.52
CA PRO A 5 11.07 5.12 -27.63
C PRO A 5 12.11 5.35 -28.71
N SER A 6 12.09 6.55 -29.28
CA SER A 6 13.01 6.95 -30.33
C SER A 6 14.02 7.95 -29.78
N LEU A 7 15.26 7.86 -30.25
CA LEU A 7 16.35 8.61 -29.64
C LEU A 7 17.02 9.50 -30.69
N CYS A 8 17.37 10.73 -30.30
CA CYS A 8 18.26 11.51 -31.17
C CYS A 8 19.14 12.41 -30.31
N MET A 9 20.40 12.58 -30.71
CA MET A 9 21.29 13.52 -30.04
C MET A 9 21.45 14.77 -30.88
N LEU A 10 21.18 15.93 -30.27
CA LEU A 10 21.37 17.19 -30.98
C LEU A 10 22.85 17.45 -31.21
N ASN A 11 23.61 17.61 -30.14
CA ASN A 11 25.07 17.71 -30.22
C ASN A 11 25.63 17.05 -28.97
N ASN A 12 26.91 17.30 -28.68
CA ASN A 12 27.58 16.64 -27.56
C ASN A 12 26.92 16.94 -26.23
N SER A 13 26.15 18.02 -26.16
CA SER A 13 25.56 18.45 -24.90
C SER A 13 24.16 17.90 -24.66
N PHE A 14 23.30 17.88 -25.68
CA PHE A 14 21.87 17.66 -25.51
C PHE A 14 21.45 16.39 -26.25
N TYR A 15 20.84 15.46 -25.53
CA TYR A 15 20.30 14.27 -26.17
C TYR A 15 18.81 14.21 -25.83
N TYR A 16 18.04 13.41 -26.57
CA TYR A 16 16.60 13.44 -26.41
C TYR A 16 16.00 12.06 -26.63
N MET A 17 15.03 11.71 -25.79
CA MET A 17 14.24 10.50 -25.94
C MET A 17 12.79 10.88 -26.16
N ARG A 18 12.10 10.13 -27.01
CA ARG A 18 10.67 10.35 -27.27
C ARG A 18 9.94 9.05 -27.01
N GLY A 19 9.15 9.02 -25.94
CA GLY A 19 8.35 7.86 -25.60
C GLY A 19 6.88 8.22 -25.54
N GLY A 20 6.10 7.64 -26.44
CA GLY A 20 4.68 7.96 -26.51
C GLY A 20 4.47 9.43 -26.82
N VAL A 21 3.69 10.09 -25.96
CA VAL A 21 3.42 11.52 -26.12
C VAL A 21 4.47 12.38 -25.41
N ASN A 22 5.39 11.78 -24.67
CA ASN A 22 6.31 12.53 -23.83
C ASN A 22 7.73 12.53 -24.42
N THR A 23 8.47 13.59 -24.13
CA THR A 23 9.83 13.77 -24.63
C THR A 23 10.71 14.15 -23.45
N PHE A 24 11.87 13.49 -23.33
CA PHE A 24 12.72 13.70 -22.17
C PHE A 24 14.09 14.16 -22.66
N LEU A 25 14.58 15.24 -22.06
CA LEU A 25 15.96 15.70 -22.27
C LEU A 25 16.93 14.85 -21.45
N ILE A 26 18.06 14.52 -22.05
CA ILE A 26 19.11 13.74 -21.41
C ILE A 26 20.42 14.48 -21.60
N ARG A 27 21.11 14.76 -20.50
CA ARG A 27 22.36 15.50 -20.54
C ARG A 27 23.41 14.76 -19.73
N VAL A 28 24.68 15.02 -20.04
CA VAL A 28 25.79 14.43 -19.31
C VAL A 28 26.78 15.53 -18.96
N SER A 29 26.99 15.76 -17.67
CA SER A 29 27.86 16.86 -17.25
C SER A 29 28.30 16.63 -15.82
N ASP A 30 29.12 17.55 -15.31
CA ASP A 30 29.73 17.42 -13.99
C ASP A 30 28.97 18.20 -12.90
N ILE A 31 27.67 18.44 -13.09
CA ILE A 31 26.89 19.18 -12.11
C ILE A 31 25.80 18.29 -11.53
N SER A 32 25.65 18.34 -10.21
CA SER A 32 24.56 17.68 -9.51
C SER A 32 23.76 18.70 -8.73
N VAL A 33 22.44 18.61 -8.84
CA VAL A 33 21.52 19.41 -8.05
C VAL A 33 20.63 18.54 -7.17
N LEU A 34 21.00 17.28 -6.99
CA LEU A 34 20.26 16.37 -6.11
C LEU A 34 21.19 15.82 -5.04
N MET A 35 20.61 15.52 -3.88
CA MET A 35 21.36 14.93 -2.78
C MET A 35 20.60 13.76 -2.19
N LYS A 36 21.36 12.77 -1.70
CA LYS A 36 20.75 11.60 -1.06
C LYS A 36 19.90 12.01 0.13
N GLU A 37 20.34 13.02 0.87
CA GLU A 37 19.70 13.42 2.12
C GLU A 37 18.35 14.08 1.91
N TYR A 38 18.11 14.68 0.73
CA TYR A 38 16.91 15.45 0.49
C TYR A 38 15.99 14.89 -0.59
N ASP A 39 16.50 14.06 -1.48
CA ASP A 39 15.76 13.69 -2.68
C ASP A 39 15.42 12.20 -2.69
N VAL A 40 14.67 11.78 -3.70
CA VAL A 40 14.07 10.45 -3.73
C VAL A 40 15.07 9.46 -4.33
N SER A 41 15.28 8.34 -3.65
CA SER A 41 16.15 7.28 -4.12
C SER A 41 15.30 6.18 -4.76
N ILE A 42 15.71 5.73 -5.93
CA ILE A 42 14.93 4.77 -6.72
C ILE A 42 15.59 3.41 -6.51
N TYR A 43 15.01 2.62 -5.60
CA TYR A 43 15.56 1.29 -5.31
C TYR A 43 15.01 0.21 -6.22
N GLU A 44 13.79 0.42 -6.73
CA GLU A 44 13.09 -0.51 -7.59
C GLU A 44 12.32 0.29 -8.63
N PRO A 45 12.00 -0.32 -9.78
CA PRO A 45 11.35 0.44 -10.86
C PRO A 45 10.06 1.15 -10.46
N GLU A 46 9.28 0.54 -9.56
CA GLU A 46 8.05 1.18 -9.08
C GLU A 46 8.32 2.58 -8.58
N ASP A 47 9.45 2.77 -7.87
CA ASP A 47 9.76 4.07 -7.30
C ASP A 47 9.85 5.16 -8.34
N LEU A 48 10.11 4.82 -9.62
CA LEU A 48 10.13 5.85 -10.65
C LEU A 48 8.82 6.60 -10.75
N GLY A 49 7.72 5.99 -10.29
CA GLY A 49 6.43 6.64 -10.24
C GLY A 49 6.36 7.76 -9.22
N ASN A 50 7.52 8.15 -8.69
CA ASN A 50 7.62 9.28 -7.79
C ASN A 50 8.39 10.43 -8.43
N CYS A 51 8.83 10.28 -9.68
CA CYS A 51 9.79 11.21 -10.26
C CYS A 51 9.19 12.09 -11.34
N LEU A 52 8.03 11.74 -11.89
CA LEU A 52 7.49 12.39 -13.07
C LEU A 52 6.12 12.98 -12.76
N ASN A 53 5.75 14.02 -13.51
CA ASN A 53 4.49 14.71 -13.26
C ASN A 53 3.31 13.76 -13.39
N LYS A 54 3.27 12.97 -14.46
CA LYS A 54 2.30 11.90 -14.64
C LYS A 54 3.01 10.56 -14.46
N SER A 55 2.33 9.62 -13.79
CA SER A 55 2.99 8.39 -13.38
C SER A 55 3.26 7.47 -14.57
N ASP A 56 2.29 7.33 -15.47
CA ASP A 56 2.39 6.37 -16.57
C ASP A 56 3.68 6.56 -17.38
N SER A 57 4.00 7.80 -17.72
CA SER A 57 5.17 8.11 -18.53
C SER A 57 6.46 7.54 -17.94
N SER A 58 6.47 7.20 -16.64
CA SER A 58 7.65 6.59 -16.04
C SER A 58 8.12 5.36 -16.81
N TRP A 59 7.22 4.68 -17.53
CA TRP A 59 7.63 3.51 -18.30
C TRP A 59 8.80 3.86 -19.22
N ALA A 60 8.75 5.04 -19.85
CA ALA A 60 9.83 5.45 -20.75
C ALA A 60 11.17 5.48 -20.01
N ILE A 61 11.18 5.98 -18.78
CA ILE A 61 12.41 5.95 -17.97
C ILE A 61 12.82 4.50 -17.73
N HIS A 62 11.87 3.66 -17.33
CA HIS A 62 12.16 2.26 -17.03
C HIS A 62 12.98 1.63 -18.14
N TRP A 63 12.41 1.61 -19.36
CA TRP A 63 13.12 1.07 -20.51
C TRP A 63 14.51 1.67 -20.62
N PHE A 64 14.59 3.00 -20.60
CA PHE A 64 15.86 3.66 -20.82
C PHE A 64 16.89 3.17 -19.80
N SER A 65 16.48 3.01 -18.54
CA SER A 65 17.39 2.50 -17.52
C SER A 65 17.96 1.16 -17.93
N ASN A 66 17.09 0.21 -18.27
CA ASN A 66 17.57 -1.10 -18.68
C ASN A 66 18.40 -1.02 -19.95
N ALA A 67 18.11 -0.04 -20.82
CA ALA A 67 18.91 0.09 -22.03
C ALA A 67 20.32 0.54 -21.70
N LEU A 68 20.47 1.30 -20.61
CA LEU A 68 21.79 1.76 -20.20
C LEU A 68 22.59 0.67 -19.51
N GLY A 69 21.92 -0.37 -19.01
CA GLY A 69 22.57 -1.43 -18.28
C GLY A 69 22.37 -1.37 -16.79
N HIS A 70 21.47 -0.51 -16.31
CA HIS A 70 21.25 -0.36 -14.87
C HIS A 70 20.71 -1.67 -14.29
N ASP A 71 21.38 -2.15 -13.25
CA ASP A 71 20.94 -3.33 -12.52
C ASP A 71 20.09 -2.86 -11.35
N TRP A 72 18.79 -3.18 -11.40
CA TRP A 72 17.87 -2.83 -10.31
C TRP A 72 18.09 -3.63 -9.05
N LEU A 73 19.11 -4.51 -9.04
CA LEU A 73 19.38 -5.39 -7.92
C LEU A 73 20.67 -5.03 -7.20
N MET A 74 21.78 -4.80 -7.92
CA MET A 74 23.06 -4.51 -7.30
C MET A 74 23.53 -3.06 -7.44
N ASP A 75 23.10 -2.34 -8.48
CA ASP A 75 23.63 -1.02 -8.77
C ASP A 75 23.12 0.07 -7.82
N PRO A 76 23.86 1.17 -7.68
CA PRO A 76 23.42 2.26 -6.81
C PRO A 76 22.08 2.84 -7.26
N PRO A 77 21.22 3.22 -6.32
CA PRO A 77 19.94 3.81 -6.70
C PRO A 77 20.17 5.15 -7.40
N MET A 78 19.40 5.39 -8.45
CA MET A 78 19.44 6.74 -9.00
C MET A 78 18.59 7.66 -8.13
N LEU A 79 18.88 8.95 -8.20
CA LEU A 79 18.14 9.94 -7.44
C LEU A 79 17.21 10.70 -8.37
N CYS A 80 16.07 11.12 -7.84
CA CYS A 80 15.19 11.98 -8.60
C CYS A 80 14.49 12.95 -7.65
N ARG A 81 14.00 14.04 -8.22
CA ARG A 81 13.23 15.02 -7.48
C ARG A 81 11.78 14.58 -7.36
N ASN A 82 11.21 14.79 -6.17
CA ASN A 82 9.84 14.40 -5.84
C ASN A 82 8.83 15.15 -6.71
N LYS A 83 7.70 14.50 -6.99
CA LYS A 83 6.62 15.14 -7.75
C LYS A 83 6.13 16.41 -7.07
N THR A 84 6.01 16.37 -5.74
CA THR A 84 5.45 17.50 -5.01
C THR A 84 6.28 18.76 -5.19
N LYS A 85 7.60 18.62 -5.35
CA LYS A 85 8.44 19.78 -5.57
C LYS A 85 8.12 20.43 -6.91
N LYS A 86 8.19 21.75 -6.93
CA LYS A 86 7.77 22.57 -8.07
C LYS A 86 8.90 22.92 -9.03
N GLU A 87 10.10 22.36 -8.84
CA GLU A 87 11.19 22.63 -9.76
C GLU A 87 11.08 21.86 -11.07
N GLY A 88 10.47 20.69 -11.03
CA GLY A 88 10.35 19.88 -12.22
C GLY A 88 10.66 18.44 -11.92
N SER A 89 11.28 17.76 -12.87
CA SER A 89 11.67 16.38 -12.69
C SER A 89 13.11 16.24 -13.11
N ASN A 90 13.91 15.64 -12.25
CA ASN A 90 15.34 15.51 -12.48
C ASN A 90 15.79 14.15 -11.97
N ILE A 91 16.27 13.30 -12.87
CA ILE A 91 16.77 11.98 -12.50
C ILE A 91 18.28 11.96 -12.73
N GLN A 92 19.05 11.62 -11.69
CA GLN A 92 20.50 11.57 -11.78
C GLN A 92 21.01 10.15 -11.73
N PHE A 93 21.90 9.82 -12.65
CA PHE A 93 22.71 8.61 -12.59
C PHE A 93 24.12 9.09 -12.30
N ASN A 94 24.71 8.66 -11.19
CA ASN A 94 26.08 9.02 -10.89
C ASN A 94 27.01 8.09 -11.66
N ILE A 95 27.72 8.65 -12.65
CA ILE A 95 28.54 7.86 -13.56
C ILE A 95 29.98 8.35 -13.51
N SER A 96 30.36 8.93 -12.37
CA SER A 96 31.68 9.54 -12.22
C SER A 96 32.79 8.54 -12.52
N LYS A 97 33.84 9.03 -13.16
CA LYS A 97 35.04 8.26 -13.40
C LYS A 97 35.93 8.35 -12.16
N ALA A 98 35.37 7.94 -11.03
CA ALA A 98 36.14 8.04 -9.80
C ALA A 98 35.50 7.18 -8.72
N ASP A 99 36.31 6.86 -7.71
CA ASP A 99 35.90 6.22 -6.45
C ASP A 99 35.01 5.01 -6.74
N ASP A 100 33.83 4.93 -6.13
CA ASP A 100 33.02 3.73 -6.15
C ASP A 100 32.08 3.66 -7.34
N ALA A 101 31.91 4.74 -8.11
CA ALA A 101 31.01 4.68 -9.24
C ALA A 101 31.71 4.34 -10.54
N ARG A 102 33.04 4.20 -10.50
CA ARG A 102 33.83 4.07 -11.71
C ARG A 102 33.31 2.95 -12.58
N VAL A 103 33.36 1.72 -12.08
CA VAL A 103 32.87 0.58 -12.84
C VAL A 103 31.44 0.84 -13.31
N TYR A 104 30.54 1.20 -12.39
CA TYR A 104 29.16 1.46 -12.76
C TYR A 104 29.09 2.47 -13.88
N GLY A 105 29.78 3.60 -13.70
CA GLY A 105 29.75 4.65 -14.70
C GLY A 105 30.11 4.12 -16.07
N LYS A 106 31.19 3.33 -16.12
CA LYS A 106 31.61 2.80 -17.41
C LYS A 106 30.44 2.12 -18.10
N LYS A 107 29.78 1.22 -17.36
CA LYS A 107 28.64 0.51 -17.93
C LYS A 107 27.64 1.48 -18.52
N ILE A 108 27.23 2.50 -17.75
CA ILE A 108 26.25 3.45 -18.25
C ILE A 108 26.75 4.12 -19.53
N ARG A 109 28.04 4.55 -19.55
CA ARG A 109 28.54 5.18 -20.76
C ARG A 109 28.50 4.19 -21.93
N ASN A 110 28.86 2.93 -21.69
CA ASN A 110 28.72 1.94 -22.75
C ASN A 110 27.27 1.87 -23.22
N GLY A 111 26.32 1.91 -22.26
CA GLY A 111 24.92 1.97 -22.65
C GLY A 111 24.65 3.10 -23.62
N MET A 112 25.12 4.30 -23.28
CA MET A 112 24.92 5.44 -24.17
C MET A 112 25.52 5.17 -25.54
N ARG A 113 26.69 4.53 -25.58
CA ARG A 113 27.34 4.29 -26.87
C ARG A 113 26.50 3.39 -27.75
N HIS A 114 25.66 2.53 -27.15
CA HIS A 114 24.78 1.69 -27.93
C HIS A 114 23.48 2.39 -28.29
N LEU A 115 23.06 3.39 -27.52
CA LEU A 115 21.80 4.06 -27.80
C LEU A 115 21.96 5.28 -28.69
N PHE A 116 23.08 6.00 -28.56
CA PHE A 116 23.32 7.22 -29.32
C PHE A 116 24.61 7.01 -30.09
N ARG A 117 24.48 6.70 -31.36
CA ARG A 117 25.65 6.58 -32.22
C ARG A 117 26.33 7.93 -32.31
N GLY A 118 27.63 7.94 -32.05
CA GLY A 118 28.35 9.19 -31.98
C GLY A 118 28.31 9.84 -30.62
N PHE A 119 28.14 9.04 -29.57
CA PHE A 119 28.13 9.55 -28.22
C PHE A 119 29.46 10.18 -27.86
N HIS A 120 29.39 11.34 -27.24
CA HIS A 120 30.57 12.03 -26.76
C HIS A 120 30.63 11.89 -25.25
N ASP A 121 31.78 11.44 -24.74
CA ASP A 121 31.98 11.26 -23.31
C ASP A 121 32.60 12.53 -22.75
N PRO A 122 31.85 13.35 -21.99
CA PRO A 122 32.43 14.56 -21.43
C PRO A 122 33.05 14.36 -20.07
N CYS A 123 32.82 13.19 -19.47
CA CYS A 123 33.30 12.93 -18.11
C CYS A 123 34.82 12.94 -18.12
N GLU A 124 35.41 13.69 -17.19
CA GLU A 124 36.86 13.73 -17.07
C GLU A 124 37.29 12.81 -15.95
N GLU A 125 38.46 12.21 -16.11
CA GLU A 125 38.89 11.18 -15.19
C GLU A 125 39.27 11.78 -13.83
N GLY A 126 38.83 11.13 -12.76
CA GLY A 126 39.05 11.59 -11.41
C GLY A 126 38.08 12.62 -10.93
N LYS A 127 37.22 13.14 -11.79
CA LYS A 127 36.23 14.14 -11.44
C LYS A 127 34.83 13.52 -11.42
N VAL A 128 33.90 14.32 -11.02
CA VAL A 128 32.52 13.90 -10.80
C VAL A 128 31.77 14.02 -12.12
N CYS A 129 30.83 13.10 -12.36
CA CYS A 129 30.10 13.14 -13.63
C CYS A 129 28.72 12.51 -13.44
N TYR A 130 27.74 13.00 -14.19
CA TYR A 130 26.36 12.63 -14.00
C TYR A 130 25.61 12.57 -15.33
N LEU A 131 24.58 11.74 -15.36
CA LEU A 131 23.61 11.70 -16.43
C LEU A 131 22.29 12.17 -15.85
N THR A 132 21.69 13.17 -16.47
CA THR A 132 20.50 13.83 -15.95
C THR A 132 19.38 13.73 -16.96
N ILE A 133 18.18 13.40 -16.47
CA ILE A 133 16.99 13.30 -17.30
C ILE A 133 15.96 14.30 -16.78
N ASN A 134 15.44 15.12 -17.69
CA ASN A 134 14.41 16.11 -17.36
C ASN A 134 13.26 15.92 -18.35
N GLN A 135 12.05 15.74 -17.84
CA GLN A 135 10.90 15.64 -18.72
C GLN A 135 10.62 16.98 -19.37
N CYS A 136 10.39 16.98 -20.68
CA CYS A 136 10.13 18.22 -21.40
C CYS A 136 8.81 18.83 -20.95
N GLY A 137 8.79 20.16 -20.82
CA GLY A 137 7.66 20.88 -20.32
C GLY A 137 7.80 21.30 -18.86
N ASP A 138 8.48 20.49 -18.04
CA ASP A 138 8.73 20.87 -16.65
C ASP A 138 9.69 22.05 -16.60
N PRO A 139 9.63 22.85 -15.53
CA PRO A 139 10.55 23.99 -15.44
C PRO A 139 12.00 23.60 -15.47
N SER A 140 12.34 22.35 -15.12
CA SER A 140 13.73 21.91 -15.03
C SER A 140 14.36 21.62 -16.39
N SER A 141 13.55 21.44 -17.44
CA SER A 141 14.08 21.29 -18.79
C SER A 141 14.21 22.62 -19.51
N PHE A 142 13.75 23.69 -18.89
CA PHE A 142 13.75 25.05 -19.42
C PHE A 142 13.17 25.07 -20.82
N ASP A 143 13.82 25.78 -21.73
CA ASP A 143 13.40 25.80 -23.12
C ASP A 143 14.26 24.90 -24.00
N TYR A 144 14.87 23.88 -23.41
CA TYR A 144 15.69 22.97 -24.21
C TYR A 144 14.86 21.97 -25.00
N CYS A 145 13.54 22.01 -24.86
CA CYS A 145 12.67 21.16 -25.64
C CYS A 145 11.84 21.95 -26.64
N GLY A 146 12.28 23.16 -26.98
CA GLY A 146 11.58 24.01 -27.93
C GLY A 146 11.83 23.61 -29.37
N VAL A 147 11.48 24.52 -30.28
CA VAL A 147 11.62 24.25 -31.71
C VAL A 147 13.07 24.42 -32.17
N ASN A 148 13.78 25.43 -31.66
CA ASN A 148 15.16 25.67 -32.08
C ASN A 148 16.09 24.51 -31.74
N HIS A 149 15.67 23.58 -30.89
CA HIS A 149 16.48 22.41 -30.55
C HIS A 149 15.95 21.14 -31.19
N LEU A 150 14.70 20.76 -30.89
CA LEU A 150 14.15 19.53 -31.45
C LEU A 150 13.91 19.61 -32.95
N SER A 151 13.84 20.82 -33.52
CA SER A 151 13.62 20.94 -34.96
C SER A 151 14.77 20.36 -35.74
N LYS A 152 16.00 20.79 -35.42
CA LYS A 152 17.18 20.35 -36.14
C LYS A 152 17.73 19.04 -35.61
N CYS A 153 16.92 18.27 -34.88
CA CYS A 153 17.27 16.91 -34.50
C CYS A 153 16.28 15.98 -35.20
N GLN A 154 16.79 14.90 -35.76
CA GLN A 154 15.94 13.95 -36.46
C GLN A 154 15.86 12.65 -35.65
N PHE A 155 14.65 12.15 -35.47
CA PHE A 155 14.35 11.07 -34.54
C PHE A 155 14.31 9.73 -35.27
N ASP A 156 14.74 8.68 -34.58
CA ASP A 156 14.83 7.35 -35.17
C ASP A 156 14.71 6.29 -34.07
N HIS A 157 14.37 5.07 -34.50
CA HIS A 157 14.06 3.95 -33.60
C HIS A 157 12.82 4.25 -32.75
N SER B 7 5.32 37.30 -12.65
CA SER B 7 4.73 36.22 -11.85
C SER B 7 5.55 34.93 -11.98
N ALA B 8 6.56 34.96 -12.86
CA ALA B 8 7.49 33.84 -12.97
C ALA B 8 8.22 33.66 -11.65
N PRO B 9 8.43 32.43 -11.19
CA PRO B 9 8.97 32.24 -9.84
C PRO B 9 10.44 32.63 -9.77
N ASN B 10 10.85 32.98 -8.56
CA ASN B 10 12.26 33.26 -8.34
C ASN B 10 13.02 31.95 -8.45
N SER B 11 14.23 32.02 -8.98
CA SER B 11 14.95 30.78 -9.22
C SER B 11 16.43 30.96 -8.96
N VAL B 12 17.04 29.89 -8.47
CA VAL B 12 18.49 29.76 -8.39
C VAL B 12 18.86 28.56 -9.26
N THR B 13 19.73 28.79 -10.26
CA THR B 13 20.19 27.74 -11.15
C THR B 13 21.72 27.78 -11.27
N ILE B 14 22.30 26.65 -11.66
CA ILE B 14 23.73 26.54 -11.90
C ILE B 14 23.96 26.24 -13.38
N THR B 15 24.98 26.87 -13.95
CA THR B 15 25.37 26.64 -15.34
C THR B 15 26.85 26.26 -15.36
N ASN B 16 27.19 25.29 -16.20
CA ASN B 16 28.60 24.99 -16.47
C ASN B 16 29.03 25.82 -17.67
N ALA B 17 30.17 25.47 -18.28
CA ALA B 17 30.67 26.15 -19.47
C ALA B 17 29.86 25.69 -20.68
N SER B 18 28.67 26.27 -20.83
CA SER B 18 27.75 26.09 -21.95
C SER B 18 27.14 24.69 -22.06
N GLY B 19 27.41 23.78 -21.11
CA GLY B 19 26.78 22.48 -21.13
C GLY B 19 25.31 22.50 -20.76
N GLY B 20 24.84 23.58 -20.17
CA GLY B 20 23.43 23.73 -19.87
C GLY B 20 23.21 24.50 -18.58
N LEU B 21 21.94 24.70 -18.28
CA LEU B 21 21.48 25.34 -17.06
C LEU B 21 20.74 24.29 -16.25
N TYR B 22 21.06 24.18 -14.95
CA TYR B 22 20.41 23.20 -14.08
C TYR B 22 19.71 23.93 -12.95
N LEU B 23 18.41 23.67 -12.78
CA LEU B 23 17.61 24.37 -11.77
C LEU B 23 17.89 23.81 -10.39
N VAL B 24 18.37 24.66 -9.49
CA VAL B 24 18.65 24.26 -8.12
C VAL B 24 17.38 24.39 -7.28
N GLU B 25 16.77 25.58 -7.26
CA GLU B 25 15.60 25.75 -6.40
C GLU B 25 14.71 26.87 -6.90
N TYR B 26 13.40 26.70 -6.68
CA TYR B 26 12.46 27.82 -6.69
C TYR B 26 12.21 28.23 -5.23
N PRO B 27 12.94 29.23 -4.72
CA PRO B 27 12.78 29.62 -3.31
C PRO B 27 11.52 30.47 -3.08
N GLU B 28 10.61 29.95 -2.26
CA GLU B 28 9.48 30.71 -1.73
C GLU B 28 9.87 31.73 -0.67
N GLY B 29 11.14 31.80 -0.27
CA GLY B 29 11.55 32.69 0.79
C GLY B 29 11.49 34.17 0.42
N TYR B 30 11.56 35.01 1.46
CA TYR B 30 11.48 36.46 1.31
C TYR B 30 12.50 36.97 0.29
N VAL B 31 12.08 37.99 -0.48
CA VAL B 31 12.93 38.61 -1.48
C VAL B 31 12.82 40.13 -1.40
N ALA B 32 13.88 40.82 -1.78
CA ALA B 32 13.84 42.26 -2.05
C ALA B 32 14.19 42.50 -3.51
N TYR B 33 13.29 43.17 -4.23
CA TYR B 33 13.52 43.63 -5.60
C TYR B 33 13.92 45.10 -5.65
N SER B 34 15.09 45.37 -6.25
CA SER B 34 15.28 46.71 -6.80
C SER B 34 14.45 46.81 -8.06
N LYS B 35 14.60 45.82 -8.94
CA LYS B 35 13.66 45.54 -10.04
C LYS B 35 13.56 44.04 -10.22
N ALA B 36 12.78 43.63 -11.23
CA ALA B 36 12.82 42.24 -11.67
C ALA B 36 14.11 42.06 -12.44
N THR B 37 15.02 41.27 -11.88
CA THR B 37 16.39 41.24 -12.34
C THR B 37 16.84 39.79 -12.53
N GLU B 38 17.88 39.64 -13.35
CA GLU B 38 18.50 38.37 -13.64
C GLU B 38 20.00 38.59 -13.55
N VAL B 39 20.64 38.00 -12.54
CA VAL B 39 22.08 38.13 -12.36
C VAL B 39 22.74 36.77 -12.52
N THR B 40 23.95 36.78 -13.06
CA THR B 40 24.71 35.57 -13.36
C THR B 40 26.17 35.83 -13.10
N GLY B 41 26.80 34.93 -12.35
CA GLY B 41 28.22 35.07 -12.12
C GLY B 41 28.73 34.00 -11.17
N LYS B 42 30.02 34.10 -10.89
CA LYS B 42 30.66 33.24 -9.91
C LYS B 42 29.98 33.39 -8.55
N LEU B 43 29.76 32.25 -7.87
CA LEU B 43 29.24 32.26 -6.50
C LEU B 43 30.39 32.10 -5.51
N VAL B 44 30.34 32.88 -4.44
CA VAL B 44 31.44 33.04 -3.50
C VAL B 44 30.88 33.20 -2.09
N HIS B 45 31.51 32.52 -1.12
CA HIS B 45 31.04 32.54 0.27
C HIS B 45 31.68 33.70 1.02
N ALA B 46 30.91 34.39 1.86
CA ALA B 46 31.41 35.53 2.63
C ALA B 46 31.05 35.39 4.10
N ASN B 47 30.93 34.16 4.58
CA ASN B 47 30.61 33.90 5.98
C ASN B 47 29.35 34.65 6.39
N PHE B 48 29.43 35.51 7.41
CA PHE B 48 28.28 36.30 7.82
C PHE B 48 28.13 37.60 7.05
N GLY B 49 29.01 37.90 6.12
CA GLY B 49 28.86 39.12 5.37
C GLY B 49 29.17 40.37 6.16
N THR B 50 29.91 40.26 7.25
CA THR B 50 30.33 41.46 7.94
C THR B 50 31.46 42.15 7.19
N LYS B 51 31.78 43.38 7.62
CA LYS B 51 32.84 44.15 6.99
C LYS B 51 34.17 43.39 7.06
N LYS B 52 34.49 42.85 8.24
CA LYS B 52 35.73 42.08 8.39
C LYS B 52 35.68 40.77 7.61
N ASP B 53 34.52 40.12 7.54
CA ASP B 53 34.41 38.91 6.74
C ASP B 53 34.80 39.17 5.30
N PHE B 54 34.26 40.23 4.69
CA PHE B 54 34.66 40.57 3.33
C PHE B 54 36.13 40.96 3.27
N GLU B 55 36.62 41.69 4.27
CA GLU B 55 38.03 42.08 4.26
C GLU B 55 38.94 40.86 4.29
N ASP B 56 38.59 39.85 5.08
CA ASP B 56 39.45 38.70 5.29
C ASP B 56 39.39 37.69 4.15
N LEU B 57 38.53 37.88 3.16
CA LEU B 57 38.44 36.93 2.05
C LEU B 57 39.72 36.99 1.22
N ASP B 58 40.15 35.82 0.74
CA ASP B 58 41.37 35.71 -0.05
C ASP B 58 41.07 35.54 -1.53
N TYR B 59 40.03 36.20 -2.03
CA TYR B 59 39.52 35.91 -3.36
C TYR B 59 38.49 36.93 -3.76
N ALA B 60 38.39 37.17 -5.05
CA ALA B 60 37.71 38.35 -5.55
C ALA B 60 36.20 38.25 -5.37
N VAL B 61 35.59 39.37 -4.98
CA VAL B 61 34.15 39.44 -4.80
C VAL B 61 33.47 40.21 -5.93
N ASN B 62 34.18 41.14 -6.58
CA ASN B 62 33.55 41.96 -7.60
C ASN B 62 32.94 41.10 -8.70
N GLY B 63 31.79 41.52 -9.21
CA GLY B 63 31.15 40.80 -10.29
C GLY B 63 30.70 39.41 -9.94
N SER B 64 30.60 39.11 -8.66
CA SER B 64 30.26 37.78 -8.18
C SER B 64 29.06 37.85 -7.26
N ILE B 65 28.32 36.75 -7.21
CA ILE B 65 27.24 36.60 -6.25
C ILE B 65 27.83 36.05 -4.96
N VAL B 66 27.44 36.63 -3.83
CA VAL B 66 27.92 36.17 -2.53
C VAL B 66 26.80 35.39 -1.86
N ILE B 67 27.16 34.28 -1.22
CA ILE B 67 26.28 33.54 -0.34
C ILE B 67 26.77 33.77 1.09
N VAL B 68 25.85 34.14 1.98
CA VAL B 68 26.20 34.47 3.36
C VAL B 68 25.22 33.78 4.31
N ARG B 69 25.67 33.59 5.53
CA ARG B 69 24.83 33.05 6.59
C ARG B 69 24.14 34.18 7.32
N ALA B 70 22.89 33.91 7.70
CA ALA B 70 22.20 34.78 8.64
C ALA B 70 22.88 34.69 10.00
N GLY B 71 22.90 35.80 10.74
CA GLY B 71 23.43 35.70 12.09
C GLY B 71 23.92 36.92 12.86
N LYS B 72 25.11 37.41 12.56
CA LYS B 72 25.72 38.37 13.49
C LYS B 72 25.17 39.78 13.28
N ILE B 73 24.82 40.12 12.05
CA ILE B 73 24.37 41.45 11.69
C ILE B 73 23.06 41.33 10.93
N THR B 74 22.38 42.46 10.79
CA THR B 74 21.14 42.48 10.05
C THR B 74 21.40 42.27 8.56
N ILE B 75 20.41 41.71 7.87
CA ILE B 75 20.57 41.40 6.46
C ILE B 75 20.80 42.63 5.62
N ALA B 76 20.21 43.77 6.00
CA ALA B 76 20.48 45.00 5.29
C ALA B 76 21.96 45.36 5.35
N GLU B 77 22.59 45.18 6.52
CA GLU B 77 24.02 45.42 6.61
C GLU B 77 24.81 44.45 5.74
N LYS B 78 24.37 43.19 5.67
CA LYS B 78 25.05 42.21 4.81
C LYS B 78 25.04 42.68 3.36
N VAL B 79 23.87 43.10 2.86
CA VAL B 79 23.77 43.45 1.45
C VAL B 79 24.47 44.78 1.21
N ALA B 80 24.48 45.68 2.20
CA ALA B 80 25.23 46.91 2.06
C ALA B 80 26.72 46.63 1.95
N ASN B 81 27.24 45.68 2.74
CA ASN B 81 28.65 45.33 2.65
C ASN B 81 28.96 44.68 1.30
N ALA B 82 28.14 43.71 0.89
CA ALA B 82 28.34 43.07 -0.40
C ALA B 82 28.39 44.09 -1.52
N GLN B 83 27.41 45.00 -1.54
CA GLN B 83 27.39 46.06 -2.54
C GLN B 83 28.59 46.99 -2.41
N SER B 84 29.02 47.25 -1.17
CA SER B 84 30.23 48.02 -0.94
C SER B 84 31.44 47.38 -1.62
N PHE B 85 31.50 46.04 -1.64
CA PHE B 85 32.58 45.35 -2.34
C PHE B 85 32.17 44.92 -3.74
N ASN B 86 31.17 45.58 -4.33
CA ASN B 86 30.83 45.43 -5.74
C ASN B 86 30.37 44.02 -6.07
N ALA B 87 29.61 43.41 -5.16
CA ALA B 87 28.94 42.16 -5.51
C ALA B 87 27.70 42.47 -6.34
N ILE B 88 27.25 41.48 -7.11
CA ILE B 88 26.10 41.68 -7.98
C ILE B 88 24.82 41.09 -7.43
N GLY B 89 24.91 40.30 -6.36
CA GLY B 89 23.73 39.71 -5.75
C GLY B 89 24.11 38.96 -4.50
N VAL B 90 23.11 38.68 -3.66
CA VAL B 90 23.34 38.07 -2.35
C VAL B 90 22.37 36.92 -2.17
N LEU B 91 22.89 35.77 -1.75
CA LEU B 91 22.11 34.63 -1.35
C LEU B 91 22.29 34.46 0.16
N ILE B 92 21.20 34.27 0.87
CA ILE B 92 21.25 34.13 2.32
C ILE B 92 20.61 32.81 2.71
N TYR B 93 21.37 31.99 3.42
CA TYR B 93 20.85 30.75 3.94
C TYR B 93 21.04 30.72 5.44
N LYS B 94 20.24 29.91 6.11
CA LYS B 94 20.20 29.91 7.57
C LYS B 94 21.02 28.74 8.08
N ASP B 95 21.96 29.04 8.98
CA ASP B 95 22.85 28.01 9.48
C ASP B 95 22.10 27.12 10.48
N ARG B 96 22.76 26.03 10.90
CA ARG B 96 22.14 25.13 11.88
C ARG B 96 22.10 25.76 13.26
N THR B 97 23.16 26.48 13.63
CA THR B 97 23.18 27.26 14.85
C THR B 97 22.72 28.68 14.55
N LYS B 98 21.78 29.19 15.34
CA LYS B 98 21.24 30.53 15.16
C LYS B 98 22.03 31.51 16.01
N TYR B 99 22.66 32.48 15.36
CA TYR B 99 23.54 33.48 15.96
C TYR B 99 22.78 34.76 16.20
N PRO B 100 22.80 35.29 17.42
CA PRO B 100 22.06 36.52 17.71
C PRO B 100 22.62 37.70 16.92
N ILE B 101 21.72 38.60 16.53
CA ILE B 101 22.10 39.83 15.86
C ILE B 101 22.40 40.88 16.92
N SER B 102 23.52 41.57 16.76
CA SER B 102 23.90 42.71 17.58
C SER B 102 24.01 43.94 16.68
N ARG B 103 23.58 45.09 17.21
CA ARG B 103 23.42 46.30 16.39
C ARG B 103 24.44 47.34 16.80
N ALA B 104 25.44 47.54 15.94
CA ALA B 104 26.45 48.57 15.99
C ALA B 104 26.07 49.75 15.09
N ASP B 105 26.95 50.74 15.05
CA ASP B 105 26.77 51.92 14.21
C ASP B 105 26.58 51.56 12.74
N GLU B 106 25.42 51.94 12.19
CA GLU B 106 25.09 51.66 10.79
C GLU B 106 24.38 52.82 10.13
N PRO B 107 24.75 53.17 8.88
CA PRO B 107 23.97 54.15 8.10
C PRO B 107 22.73 53.55 7.43
N LEU B 108 22.16 54.29 6.49
CA LEU B 108 20.97 53.87 5.75
C LEU B 108 21.14 52.54 5.00
N PRO B 115 18.36 48.52 -1.12
CA PRO B 115 18.66 47.28 -1.86
C PRO B 115 18.66 47.47 -3.37
N SER B 116 19.84 47.55 -3.98
CA SER B 116 19.95 47.61 -5.43
C SER B 116 20.25 46.28 -6.09
N ILE B 117 21.04 45.42 -5.44
CA ILE B 117 21.37 44.11 -5.99
C ILE B 117 20.33 43.11 -5.50
N PRO B 118 20.01 42.07 -6.27
CA PRO B 118 19.00 41.11 -5.81
C PRO B 118 19.43 40.43 -4.52
N VAL B 119 18.44 40.14 -3.69
CA VAL B 119 18.65 39.47 -2.41
C VAL B 119 17.64 38.34 -2.31
N GLN B 120 18.12 37.10 -2.24
CA GLN B 120 17.26 35.93 -2.19
C GLN B 120 17.66 35.05 -1.01
N THR B 121 16.68 34.69 -0.17
CA THR B 121 16.93 33.74 0.90
C THR B 121 16.63 32.35 0.37
N ILE B 122 17.54 31.42 0.65
CA ILE B 122 17.42 30.06 0.16
C ILE B 122 17.43 29.09 1.33
N SER B 123 16.83 27.93 1.11
CA SER B 123 16.85 26.87 2.10
C SER B 123 18.27 26.32 2.28
N ARG B 124 18.53 25.77 3.44
CA ARG B 124 19.82 25.13 3.64
C ARG B 124 20.00 23.97 2.69
N GLU B 125 18.89 23.33 2.27
CA GLU B 125 18.95 22.32 1.20
C GLU B 125 19.60 22.89 -0.06
N ALA B 126 19.08 24.03 -0.56
CA ALA B 126 19.66 24.63 -1.75
C ALA B 126 21.09 25.09 -1.51
N ALA B 127 21.39 25.58 -0.31
CA ALA B 127 22.75 25.99 -0.01
C ALA B 127 23.70 24.80 -0.10
N GLU B 128 23.28 23.64 0.40
CA GLU B 128 24.16 22.49 0.33
C GLU B 128 24.26 21.95 -1.10
N LYS B 129 23.19 22.06 -1.88
CA LYS B 129 23.23 21.65 -3.28
C LYS B 129 24.17 22.54 -4.09
N LEU B 130 24.23 23.83 -3.75
CA LEU B 130 25.24 24.70 -4.36
C LEU B 130 26.63 24.33 -3.90
N PHE B 131 26.80 24.12 -2.59
CA PHE B 131 28.12 23.82 -2.04
C PHE B 131 28.72 22.58 -2.67
N GLN B 132 27.89 21.55 -2.94
CA GLN B 132 28.44 20.31 -3.50
C GLN B 132 29.05 20.52 -4.87
N ASN B 133 28.68 21.59 -5.55
CA ASN B 133 29.26 21.98 -6.83
C ASN B 133 30.39 23.01 -6.65
N MET B 134 30.76 23.34 -5.42
CA MET B 134 31.77 24.34 -5.10
C MET B 134 33.01 23.66 -4.51
N GLU B 135 34.08 24.43 -4.31
CA GLU B 135 35.36 23.88 -3.92
C GLU B 135 35.96 24.68 -2.77
N ARG B 136 36.89 24.05 -2.06
CA ARG B 136 37.63 24.61 -0.94
C ARG B 136 36.80 24.57 0.34
N ASP B 137 37.32 23.92 1.38
CA ASP B 137 36.61 23.85 2.66
C ASP B 137 36.54 25.22 3.32
N CYS B 138 35.46 25.44 4.08
CA CYS B 138 35.37 26.66 4.85
C CYS B 138 36.29 26.58 6.08
N PRO B 139 36.88 27.68 6.51
CA PRO B 139 37.75 27.64 7.67
C PRO B 139 37.03 27.08 8.90
N ARG B 140 37.73 26.21 9.64
CA ARG B 140 37.18 25.67 10.88
C ARG B 140 36.79 26.77 11.83
N SER B 141 37.44 27.92 11.75
CA SER B 141 37.10 29.04 12.62
C SER B 141 35.64 29.46 12.49
N TRP B 142 34.99 29.19 11.36
CA TRP B 142 33.61 29.65 11.19
C TRP B 142 32.62 28.83 12.01
N ASN B 143 33.00 27.63 12.44
CA ASN B 143 32.12 26.72 13.18
C ASN B 143 30.81 26.52 12.42
N THR B 144 30.93 26.07 11.17
CA THR B 144 29.78 25.77 10.33
C THR B 144 29.92 24.37 9.76
N ASP B 145 28.84 23.89 9.13
CA ASP B 145 28.79 22.51 8.65
C ASP B 145 29.94 22.20 7.69
N SER B 146 30.33 20.93 7.64
CA SER B 146 31.40 20.51 6.75
C SER B 146 31.00 20.60 5.29
N SER B 147 29.70 20.69 5.01
CA SER B 147 29.25 20.87 3.63
C SER B 147 29.59 22.25 3.08
N CYS B 148 29.93 23.20 3.95
CA CYS B 148 30.27 24.54 3.51
C CYS B 148 31.47 24.52 2.59
N LYS B 149 31.41 25.34 1.54
CA LYS B 149 32.55 25.60 0.66
C LYS B 149 32.57 27.07 0.25
N LEU B 150 33.73 27.50 -0.27
CA LEU B 150 34.03 28.90 -0.51
C LEU B 150 33.79 29.34 -1.94
N GLU B 151 34.33 28.61 -2.92
CA GLU B 151 34.35 29.08 -4.29
C GLU B 151 33.66 28.13 -5.26
N LEU B 152 32.94 28.73 -6.21
CA LEU B 152 32.43 28.01 -7.37
C LEU B 152 33.44 28.20 -8.51
N LEU B 153 34.17 27.15 -8.83
CA LEU B 153 35.23 27.20 -9.82
C LEU B 153 34.79 26.42 -11.05
N GLN B 154 35.75 25.89 -11.82
CA GLN B 154 35.48 25.08 -13.00
C GLN B 154 34.66 25.85 -14.03
N ASN B 155 34.82 27.17 -14.06
CA ASN B 155 34.10 28.07 -14.98
C ASN B 155 32.59 27.98 -14.83
N ARG B 156 32.11 27.48 -13.69
CA ARG B 156 30.68 27.43 -13.44
C ARG B 156 30.16 28.81 -13.01
N ASN B 157 28.85 29.00 -13.16
CA ASN B 157 28.19 30.24 -12.76
C ASN B 157 26.85 29.91 -12.09
N VAL B 158 26.40 30.84 -11.27
CA VAL B 158 25.08 30.77 -10.66
C VAL B 158 24.24 31.88 -11.27
N LYS B 159 22.99 31.56 -11.55
CA LYS B 159 21.99 32.46 -12.12
C LYS B 159 20.85 32.62 -11.12
N LEU B 160 20.72 33.83 -10.58
CA LEU B 160 19.61 34.21 -9.71
C LEU B 160 18.62 35.05 -10.50
N THR B 161 17.36 34.63 -10.52
CA THR B 161 16.30 35.36 -11.21
C THR B 161 15.24 35.75 -10.20
N VAL B 162 15.03 37.06 -10.05
CA VAL B 162 14.08 37.63 -9.09
C VAL B 162 13.00 38.37 -9.87
N ASN B 163 11.77 37.89 -9.79
CA ASN B 163 10.66 38.55 -10.50
C ASN B 163 9.69 39.19 -9.52
N GLU C 3 -2.97 -49.39 -25.39
CA GLU C 3 -2.95 -50.54 -24.52
C GLU C 3 -2.88 -50.09 -23.06
N LEU C 4 -2.51 -51.03 -22.17
CA LEU C 4 -2.25 -50.65 -20.79
C LEU C 4 -0.82 -50.15 -20.65
N PRO C 5 -0.60 -49.12 -19.84
CA PRO C 5 0.77 -48.67 -19.58
C PRO C 5 1.56 -49.77 -18.88
N SER C 6 2.87 -49.77 -19.11
CA SER C 6 3.77 -50.74 -18.50
C SER C 6 4.64 -50.04 -17.45
N LEU C 7 4.96 -50.77 -16.39
CA LEU C 7 5.61 -50.20 -15.22
C LEU C 7 6.96 -50.87 -14.98
N CYS C 8 7.96 -50.07 -14.60
CA CYS C 8 9.22 -50.66 -14.16
C CYS C 8 9.83 -49.77 -13.08
N MET C 9 10.43 -50.40 -12.06
CA MET C 9 11.12 -49.64 -11.02
C MET C 9 12.64 -49.80 -11.19
N LEU C 10 13.33 -48.67 -11.30
CA LEU C 10 14.78 -48.67 -11.40
C LEU C 10 15.41 -49.13 -10.09
N ASN C 11 15.18 -48.37 -9.02
CA ASN C 11 15.61 -48.75 -7.69
C ASN C 11 14.52 -48.30 -6.73
N ASN C 12 14.83 -48.26 -5.44
CA ASN C 12 13.82 -47.90 -4.45
C ASN C 12 13.31 -46.48 -4.64
N SER C 13 14.07 -45.63 -5.33
CA SER C 13 13.74 -44.21 -5.48
C SER C 13 12.96 -43.91 -6.74
N PHE C 14 13.30 -44.55 -7.87
CA PHE C 14 12.82 -44.12 -9.18
C PHE C 14 11.94 -45.20 -9.79
N TYR C 15 10.71 -44.82 -10.14
CA TYR C 15 9.82 -45.74 -10.84
C TYR C 15 9.38 -45.06 -12.14
N TYR C 16 8.85 -45.84 -13.07
CA TYR C 16 8.55 -45.32 -14.39
C TYR C 16 7.30 -45.98 -14.94
N MET C 17 6.45 -45.17 -15.55
CA MET C 17 5.26 -45.65 -16.26
C MET C 17 5.39 -45.29 -17.73
N ARG C 18 4.96 -46.20 -18.60
CA ARG C 18 5.02 -45.97 -20.04
C ARG C 18 3.60 -46.15 -20.58
N GLY C 19 2.98 -45.05 -20.98
CA GLY C 19 1.64 -45.08 -21.53
C GLY C 19 1.58 -44.48 -22.92
N GLY C 20 1.21 -45.30 -23.90
CA GLY C 20 1.15 -44.85 -25.28
C GLY C 20 2.52 -44.41 -25.76
N VAL C 21 2.58 -43.17 -26.24
CA VAL C 21 3.84 -42.59 -26.71
C VAL C 21 4.62 -41.90 -25.60
N ASN C 22 4.07 -41.77 -24.40
CA ASN C 22 4.65 -40.97 -23.35
C ASN C 22 5.20 -41.83 -22.22
N THR C 23 6.21 -41.29 -21.53
CA THR C 23 6.86 -41.96 -20.40
C THR C 23 6.90 -41.01 -19.22
N PHE C 24 6.52 -41.48 -18.03
CA PHE C 24 6.38 -40.62 -16.87
C PHE C 24 7.28 -41.14 -15.76
N LEU C 25 8.07 -40.25 -15.18
CA LEU C 25 8.83 -40.53 -13.97
C LEU C 25 7.92 -40.43 -12.75
N ILE C 26 8.08 -41.37 -11.83
CA ILE C 26 7.30 -41.43 -10.60
C ILE C 26 8.27 -41.62 -9.45
N ARG C 27 8.18 -40.76 -8.44
CA ARG C 27 9.08 -40.82 -7.30
C ARG C 27 8.30 -40.74 -6.01
N VAL C 28 8.92 -41.23 -4.94
CA VAL C 28 8.33 -41.19 -3.61
C VAL C 28 9.39 -40.63 -2.66
N SER C 29 9.12 -39.47 -2.07
CA SER C 29 10.10 -38.84 -1.21
C SER C 29 9.40 -37.79 -0.35
N ASP C 30 10.18 -37.16 0.54
CA ASP C 30 9.65 -36.24 1.53
C ASP C 30 9.76 -34.79 1.13
N ILE C 31 9.78 -34.50 -0.18
CA ILE C 31 9.87 -33.13 -0.65
C ILE C 31 8.61 -32.77 -1.41
N SER C 32 8.10 -31.56 -1.13
CA SER C 32 6.97 -30.96 -1.82
C SER C 32 7.40 -29.64 -2.44
N VAL C 33 7.06 -29.43 -3.70
CA VAL C 33 7.25 -28.13 -4.33
C VAL C 33 5.93 -27.56 -4.81
N LEU C 34 4.81 -28.11 -4.34
CA LEU C 34 3.48 -27.60 -4.66
C LEU C 34 2.75 -27.24 -3.39
N MET C 35 1.85 -26.25 -3.48
CA MET C 35 1.04 -25.80 -2.36
C MET C 35 -0.42 -25.67 -2.80
N LYS C 36 -1.34 -25.92 -1.85
CA LYS C 36 -2.77 -25.79 -2.15
C LYS C 36 -3.09 -24.39 -2.66
N GLU C 37 -2.43 -23.37 -2.09
CA GLU C 37 -2.79 -21.98 -2.34
C GLU C 37 -2.41 -21.50 -3.74
N TYR C 38 -1.45 -22.15 -4.39
CA TYR C 38 -0.90 -21.62 -5.63
C TYR C 38 -1.10 -22.51 -6.84
N ASP C 39 -1.36 -23.79 -6.66
CA ASP C 39 -1.32 -24.78 -7.73
C ASP C 39 -2.71 -25.36 -7.94
N VAL C 40 -2.83 -26.22 -8.96
CA VAL C 40 -4.12 -26.67 -9.44
C VAL C 40 -4.54 -27.90 -8.65
N SER C 41 -5.78 -27.90 -8.18
CA SER C 41 -6.33 -29.02 -7.42
C SER C 41 -7.16 -29.90 -8.35
N ILE C 42 -6.96 -31.22 -8.28
CA ILE C 42 -7.60 -32.16 -9.18
C ILE C 42 -8.75 -32.82 -8.43
N TYR C 43 -9.97 -32.30 -8.63
CA TYR C 43 -11.13 -32.85 -7.94
C TYR C 43 -11.76 -34.01 -8.71
N GLU C 44 -11.66 -33.96 -10.03
CA GLU C 44 -12.22 -34.96 -10.93
C GLU C 44 -11.27 -35.12 -12.11
N PRO C 45 -11.32 -36.26 -12.79
CA PRO C 45 -10.35 -36.52 -13.88
C PRO C 45 -10.28 -35.45 -14.96
N GLU C 46 -11.39 -34.77 -15.26
CA GLU C 46 -11.34 -33.68 -16.24
C GLU C 46 -10.24 -32.67 -15.89
N ASP C 47 -10.10 -32.35 -14.61
CA ASP C 47 -9.13 -31.37 -14.19
C ASP C 47 -7.70 -31.80 -14.55
N LEU C 48 -7.47 -33.11 -14.71
CA LEU C 48 -6.14 -33.59 -15.13
C LEU C 48 -5.72 -32.99 -16.45
N GLY C 49 -6.66 -32.51 -17.24
CA GLY C 49 -6.34 -31.82 -18.49
C GLY C 49 -5.70 -30.47 -18.28
N ASN C 50 -5.30 -30.16 -17.04
CA ASN C 50 -4.59 -28.92 -16.74
C ASN C 50 -3.15 -29.13 -16.31
N CYS C 51 -2.65 -30.37 -16.30
CA CYS C 51 -1.39 -30.67 -15.64
C CYS C 51 -0.25 -31.01 -16.58
N LEU C 52 -0.52 -31.38 -17.83
CA LEU C 52 0.49 -31.93 -18.71
C LEU C 52 0.61 -31.09 -19.99
N ASN C 53 1.77 -31.20 -20.64
CA ASN C 53 2.04 -30.40 -21.82
C ASN C 53 1.02 -30.70 -22.92
N LYS C 54 0.77 -31.98 -23.18
CA LYS C 54 -0.29 -32.41 -24.09
C LYS C 54 -1.44 -32.99 -23.30
N SER C 55 -2.67 -32.65 -23.70
CA SER C 55 -3.84 -32.97 -22.89
C SER C 55 -4.17 -34.45 -22.94
N ASP C 56 -4.14 -35.06 -24.14
CA ASP C 56 -4.57 -36.44 -24.30
C ASP C 56 -3.85 -37.39 -23.35
N SER C 57 -2.51 -37.24 -23.24
CA SER C 57 -1.70 -38.11 -22.39
C SER C 57 -2.21 -38.17 -20.94
N SER C 58 -3.08 -37.23 -20.55
CA SER C 58 -3.66 -37.26 -19.21
C SER C 58 -4.32 -38.61 -18.91
N TRP C 59 -4.81 -39.31 -19.94
CA TRP C 59 -5.42 -40.61 -19.68
C TRP C 59 -4.46 -41.52 -18.91
N ALA C 60 -3.18 -41.50 -19.27
CA ALA C 60 -2.20 -42.35 -18.58
C ALA C 60 -2.18 -42.06 -17.09
N ILE C 61 -2.24 -40.77 -16.72
CA ILE C 61 -2.32 -40.42 -15.30
C ILE C 61 -3.61 -40.99 -14.71
N HIS C 62 -4.73 -40.77 -15.40
CA HIS C 62 -6.02 -41.26 -14.93
C HIS C 62 -5.93 -42.71 -14.51
N TRP C 63 -5.59 -43.59 -15.47
CA TRP C 63 -5.42 -45.00 -15.17
C TRP C 63 -4.57 -45.20 -13.92
N PHE C 64 -3.38 -44.57 -13.90
CA PHE C 64 -2.46 -44.79 -12.79
C PHE C 64 -3.12 -44.44 -11.46
N SER C 65 -3.86 -43.34 -11.42
CA SER C 65 -4.57 -42.99 -10.18
C SER C 65 -5.50 -44.12 -9.76
N ASN C 66 -6.35 -44.60 -10.67
CA ASN C 66 -7.24 -45.69 -10.32
C ASN C 66 -6.46 -46.95 -9.99
N ALA C 67 -5.27 -47.12 -10.57
CA ALA C 67 -4.48 -48.29 -10.21
C ALA C 67 -3.96 -48.18 -8.78
N LEU C 68 -3.72 -46.97 -8.29
CA LEU C 68 -3.25 -46.79 -6.92
C LEU C 68 -4.36 -46.93 -5.91
N GLY C 69 -5.62 -46.79 -6.32
CA GLY C 69 -6.74 -46.82 -5.43
C GLY C 69 -7.38 -45.48 -5.12
N HIS C 70 -7.01 -44.42 -5.84
CA HIS C 70 -7.57 -43.10 -5.58
C HIS C 70 -9.07 -43.07 -5.87
N ASP C 71 -9.85 -42.59 -4.89
CA ASP C 71 -11.29 -42.41 -5.04
C ASP C 71 -11.56 -40.99 -5.50
N TRP C 72 -12.06 -40.82 -6.73
CA TRP C 72 -12.32 -39.49 -7.25
C TRP C 72 -13.51 -38.81 -6.59
N LEU C 73 -14.12 -39.44 -5.59
CA LEU C 73 -15.30 -38.92 -4.95
C LEU C 73 -15.01 -38.46 -3.53
N MET C 74 -14.28 -39.26 -2.74
CA MET C 74 -14.02 -38.93 -1.36
C MET C 74 -12.59 -38.51 -1.07
N ASP C 75 -11.62 -38.98 -1.83
CA ASP C 75 -10.22 -38.78 -1.45
C ASP C 75 -9.75 -37.34 -1.66
N PRO C 76 -8.70 -36.93 -0.95
CA PRO C 76 -8.17 -35.57 -1.11
C PRO C 76 -7.76 -35.31 -2.54
N PRO C 77 -7.97 -34.11 -3.07
CA PRO C 77 -7.49 -33.81 -4.41
C PRO C 77 -5.98 -33.86 -4.47
N MET C 78 -5.45 -34.47 -5.52
CA MET C 78 -4.02 -34.32 -5.74
C MET C 78 -3.74 -32.95 -6.35
N LEU C 79 -2.51 -32.49 -6.19
CA LEU C 79 -2.10 -31.19 -6.70
C LEU C 79 -1.23 -31.36 -7.94
N CYS C 80 -1.32 -30.40 -8.86
CA CYS C 80 -0.40 -30.39 -9.98
C CYS C 80 -0.07 -28.97 -10.35
N ARG C 81 1.04 -28.81 -11.07
CA ARG C 81 1.43 -27.50 -11.57
C ARG C 81 0.67 -27.22 -12.86
N ASN C 82 0.22 -25.98 -13.01
CA ASN C 82 -0.54 -25.64 -14.21
C ASN C 82 0.35 -25.78 -15.44
N LYS C 83 -0.24 -26.28 -16.53
CA LYS C 83 0.51 -26.40 -17.77
C LYS C 83 1.00 -25.06 -18.27
N THR C 84 0.23 -23.99 -18.03
CA THR C 84 0.62 -22.66 -18.49
C THR C 84 1.96 -22.25 -17.89
N LYS C 85 2.26 -22.68 -16.67
CA LYS C 85 3.56 -22.44 -16.08
C LYS C 85 4.65 -23.17 -16.87
N LYS C 86 5.82 -22.56 -16.95
CA LYS C 86 6.90 -23.06 -17.79
C LYS C 86 7.85 -24.00 -17.06
N GLU C 87 7.57 -24.35 -15.80
CA GLU C 87 8.44 -25.30 -15.10
C GLU C 87 8.20 -26.73 -15.56
N GLY C 88 6.99 -27.08 -15.96
CA GLY C 88 6.76 -28.45 -16.40
C GLY C 88 5.47 -29.07 -15.90
N SER C 89 5.56 -30.34 -15.51
CA SER C 89 4.42 -31.08 -14.97
C SER C 89 4.84 -31.74 -13.66
N ASN C 90 4.04 -31.51 -12.61
CA ASN C 90 4.33 -32.09 -11.30
C ASN C 90 2.99 -32.46 -10.66
N ILE C 91 2.76 -33.75 -10.43
CA ILE C 91 1.52 -34.21 -9.79
C ILE C 91 1.92 -34.74 -8.42
N GLN C 92 1.28 -34.20 -7.38
CA GLN C 92 1.63 -34.52 -6.00
C GLN C 92 0.53 -35.31 -5.32
N PHE C 93 0.87 -36.45 -4.74
CA PHE C 93 -0.02 -37.19 -3.88
C PHE C 93 0.56 -37.12 -2.47
N ASN C 94 -0.20 -36.57 -1.53
CA ASN C 94 0.23 -36.53 -0.15
C ASN C 94 -0.09 -37.87 0.47
N ILE C 95 0.96 -38.63 0.82
CA ILE C 95 0.79 -39.98 1.33
C ILE C 95 1.49 -40.06 2.68
N SER C 96 1.62 -38.92 3.34
CA SER C 96 2.35 -38.84 4.59
C SER C 96 1.79 -39.82 5.62
N LYS C 97 2.68 -40.43 6.40
CA LYS C 97 2.25 -41.29 7.50
C LYS C 97 1.96 -40.44 8.74
N ALA C 98 1.05 -39.48 8.63
CA ALA C 98 0.74 -38.66 9.78
C ALA C 98 -0.59 -37.93 9.55
N ASP C 99 -1.20 -37.49 10.64
CA ASP C 99 -2.36 -36.60 10.65
C ASP C 99 -3.48 -37.03 9.71
N ASP C 100 -3.86 -36.13 8.79
CA ASP C 100 -5.04 -36.32 7.97
C ASP C 100 -4.79 -37.19 6.75
N ALA C 101 -3.53 -37.42 6.38
CA ALA C 101 -3.22 -38.17 5.17
C ALA C 101 -2.91 -39.63 5.42
N ARG C 102 -2.95 -40.08 6.67
CA ARG C 102 -2.49 -41.43 7.02
C ARG C 102 -3.26 -42.50 6.26
N VAL C 103 -4.58 -42.58 6.47
CA VAL C 103 -5.38 -43.64 5.83
C VAL C 103 -5.15 -43.63 4.33
N TYR C 104 -5.42 -42.48 3.71
CA TYR C 104 -5.21 -42.35 2.27
C TYR C 104 -3.81 -42.79 1.90
N GLY C 105 -2.81 -42.28 2.62
CA GLY C 105 -1.44 -42.64 2.31
C GLY C 105 -1.25 -44.14 2.26
N LYS C 106 -1.74 -44.82 3.30
CA LYS C 106 -1.62 -46.27 3.35
C LYS C 106 -2.18 -46.88 2.07
N LYS C 107 -3.41 -46.48 1.72
CA LYS C 107 -4.02 -46.98 0.50
C LYS C 107 -3.11 -46.79 -0.71
N ILE C 108 -2.62 -45.57 -0.91
CA ILE C 108 -1.80 -45.30 -2.10
C ILE C 108 -0.58 -46.21 -2.11
N ARG C 109 0.08 -46.33 -0.96
CA ARG C 109 1.26 -47.20 -0.89
C ARG C 109 0.89 -48.65 -1.15
N ASN C 110 -0.26 -49.09 -0.64
CA ASN C 110 -0.73 -50.44 -0.95
C ASN C 110 -0.87 -50.61 -2.45
N GLY C 111 -1.41 -49.59 -3.14
CA GLY C 111 -1.46 -49.64 -4.59
C GLY C 111 -0.10 -49.92 -5.20
N MET C 112 0.93 -49.21 -4.73
CA MET C 112 2.28 -49.42 -5.25
C MET C 112 2.70 -50.88 -5.09
N ARG C 113 2.35 -51.51 -3.96
CA ARG C 113 2.77 -52.90 -3.72
C ARG C 113 2.17 -53.83 -4.76
N HIS C 114 1.00 -53.50 -5.32
CA HIS C 114 0.45 -54.34 -6.37
C HIS C 114 1.01 -53.97 -7.74
N LEU C 115 1.48 -52.75 -7.92
CA LEU C 115 1.96 -52.32 -9.22
C LEU C 115 3.46 -52.52 -9.38
N PHE C 116 4.22 -52.38 -8.30
CA PHE C 116 5.67 -52.52 -8.36
C PHE C 116 6.06 -53.59 -7.33
N ARG C 117 6.23 -54.82 -7.79
CA ARG C 117 6.72 -55.87 -6.91
C ARG C 117 8.14 -55.54 -6.46
N GLY C 118 8.36 -55.62 -5.15
CA GLY C 118 9.59 -55.16 -4.57
C GLY C 118 9.54 -53.70 -4.22
N PHE C 119 8.36 -53.16 -3.97
CA PHE C 119 8.22 -51.77 -3.57
C PHE C 119 8.89 -51.53 -2.23
N HIS C 120 9.64 -50.44 -2.14
CA HIS C 120 10.29 -50.00 -0.91
C HIS C 120 9.52 -48.80 -0.36
N ASP C 121 9.16 -48.86 0.92
CA ASP C 121 8.45 -47.78 1.57
C ASP C 121 9.45 -46.83 2.20
N PRO C 122 9.69 -45.65 1.62
CA PRO C 122 10.63 -44.70 2.23
C PRO C 122 9.96 -43.76 3.21
N CYS C 123 8.62 -43.76 3.26
CA CYS C 123 7.92 -42.84 4.14
C CYS C 123 8.23 -43.19 5.58
N GLU C 124 8.58 -42.19 6.36
CA GLU C 124 8.88 -42.37 7.77
C GLU C 124 7.66 -41.99 8.59
N GLU C 125 7.49 -42.67 9.72
CA GLU C 125 6.27 -42.49 10.49
C GLU C 125 6.31 -41.12 11.17
N GLY C 126 5.19 -40.40 11.10
CA GLY C 126 5.10 -39.09 11.68
C GLY C 126 5.70 -37.97 10.86
N LYS C 127 6.40 -38.29 9.77
CA LYS C 127 6.99 -37.31 8.89
C LYS C 127 6.22 -37.25 7.58
N VAL C 128 6.59 -36.31 6.77
CA VAL C 128 5.86 -36.00 5.55
C VAL C 128 6.36 -36.87 4.42
N CYS C 129 5.47 -37.26 3.51
CA CYS C 129 5.86 -38.12 2.41
C CYS C 129 4.93 -37.88 1.23
N TYR C 130 5.47 -38.01 0.01
CA TYR C 130 4.75 -37.63 -1.20
C TYR C 130 5.09 -38.57 -2.35
N LEU C 131 4.13 -38.68 -3.27
CA LEU C 131 4.34 -39.35 -4.56
C LEU C 131 4.24 -38.31 -5.67
N THR C 132 5.26 -38.22 -6.50
CA THR C 132 5.39 -37.17 -7.50
C THR C 132 5.48 -37.77 -8.89
N ILE C 133 4.75 -37.17 -9.82
CA ILE C 133 4.75 -37.60 -11.21
C ILE C 133 5.23 -36.45 -12.07
N ASN C 134 6.22 -36.72 -12.93
CA ASN C 134 6.78 -35.76 -13.87
C ASN C 134 6.80 -36.42 -15.23
N GLN C 135 6.16 -35.81 -16.22
CA GLN C 135 6.24 -36.34 -17.57
C GLN C 135 7.64 -36.15 -18.14
N CYS C 136 8.18 -37.20 -18.75
CA CYS C 136 9.52 -37.13 -19.31
C CYS C 136 9.56 -36.15 -20.48
N GLY C 137 10.66 -35.37 -20.54
CA GLY C 137 10.82 -34.31 -21.51
C GLY C 137 10.58 -32.92 -20.95
N ASP C 138 9.67 -32.79 -19.97
CA ASP C 138 9.46 -31.52 -19.31
C ASP C 138 10.67 -31.15 -18.45
N PRO C 139 10.90 -29.85 -18.21
CA PRO C 139 12.04 -29.47 -17.37
C PRO C 139 11.96 -30.06 -15.99
N SER C 140 10.79 -30.46 -15.51
CA SER C 140 10.66 -30.95 -14.15
C SER C 140 11.16 -32.39 -13.99
N SER C 141 11.35 -33.12 -15.09
CA SER C 141 11.91 -34.47 -15.02
C SER C 141 13.42 -34.49 -15.15
N PHE C 142 14.03 -33.34 -15.40
CA PHE C 142 15.48 -33.19 -15.60
C PHE C 142 16.00 -34.20 -16.60
N ASP C 143 17.13 -34.85 -16.29
CA ASP C 143 17.67 -35.91 -17.13
C ASP C 143 17.42 -37.30 -16.54
N TYR C 144 16.38 -37.45 -15.72
CA TYR C 144 16.06 -38.76 -15.16
C TYR C 144 15.35 -39.68 -16.14
N CYS C 145 15.05 -39.19 -17.35
CA CYS C 145 14.42 -40.03 -18.37
C CYS C 145 15.36 -40.31 -19.53
N GLY C 146 16.65 -40.17 -19.32
CA GLY C 146 17.64 -40.44 -20.34
C GLY C 146 17.90 -41.92 -20.51
N VAL C 147 19.00 -42.21 -21.20
CA VAL C 147 19.37 -43.60 -21.46
C VAL C 147 19.99 -44.23 -20.23
N ASN C 148 20.77 -43.47 -19.45
CA ASN C 148 21.48 -44.00 -18.29
C ASN C 148 20.54 -44.56 -17.25
N HIS C 149 19.25 -44.23 -17.32
CA HIS C 149 18.25 -44.75 -16.39
C HIS C 149 17.32 -45.74 -17.06
N LEU C 150 16.63 -45.32 -18.13
CA LEU C 150 15.66 -46.20 -18.80
C LEU C 150 16.30 -47.42 -19.45
N SER C 151 17.61 -47.40 -19.71
CA SER C 151 18.25 -48.56 -20.32
C SER C 151 18.19 -49.76 -19.38
N LYS C 152 18.62 -49.57 -18.14
CA LYS C 152 18.68 -50.64 -17.15
C LYS C 152 17.38 -50.78 -16.36
N CYS C 153 16.25 -50.28 -16.87
CA CYS C 153 14.94 -50.51 -16.28
C CYS C 153 14.10 -51.32 -17.27
N GLN C 154 13.57 -52.45 -16.80
CA GLN C 154 12.65 -53.27 -17.59
C GLN C 154 11.60 -53.92 -16.68
N PRO D 9 17.45 -21.32 -18.48
CA PRO D 9 16.84 -20.30 -17.62
C PRO D 9 17.30 -20.39 -16.17
N ASN D 10 17.17 -19.31 -15.42
CA ASN D 10 17.56 -19.34 -14.02
C ASN D 10 16.59 -20.24 -13.26
N SER D 11 17.11 -20.96 -12.27
CA SER D 11 16.25 -21.95 -11.62
C SER D 11 16.60 -22.08 -10.15
N VAL D 12 15.58 -22.37 -9.36
CA VAL D 12 15.72 -22.76 -7.97
C VAL D 12 15.12 -24.15 -7.83
N THR D 13 15.93 -25.10 -7.35
CA THR D 13 15.48 -26.48 -7.14
C THR D 13 15.88 -26.95 -5.75
N ILE D 14 15.19 -27.99 -5.27
CA ILE D 14 15.50 -28.62 -3.99
C ILE D 14 15.95 -30.05 -4.26
N THR D 15 16.93 -30.51 -3.49
CA THR D 15 17.44 -31.87 -3.56
C THR D 15 17.34 -32.49 -2.19
N ASN D 16 16.93 -33.75 -2.13
CA ASN D 16 16.98 -34.48 -0.87
C ASN D 16 18.33 -35.20 -0.77
N ALA D 17 18.43 -36.17 0.14
CA ALA D 17 19.65 -36.96 0.28
C ALA D 17 19.70 -37.95 -0.89
N SER D 18 20.09 -37.44 -2.05
CA SER D 18 20.35 -38.21 -3.28
C SER D 18 19.09 -38.88 -3.83
N GLY D 19 17.92 -38.67 -3.23
CA GLY D 19 16.68 -39.23 -3.77
C GLY D 19 16.22 -38.54 -5.04
N GLY D 20 16.77 -37.38 -5.36
CA GLY D 20 16.47 -36.72 -6.61
C GLY D 20 16.49 -35.21 -6.44
N LEU D 21 16.30 -34.55 -7.57
CA LEU D 21 16.23 -33.10 -7.64
C LEU D 21 14.82 -32.72 -8.06
N TYR D 22 14.20 -31.78 -7.32
CA TYR D 22 12.85 -31.34 -7.63
C TYR D 22 12.86 -29.86 -7.95
N LEU D 23 12.30 -29.51 -9.12
CA LEU D 23 12.29 -28.13 -9.60
C LEU D 23 11.25 -27.31 -8.84
N VAL D 24 11.71 -26.25 -8.16
CA VAL D 24 10.80 -25.35 -7.43
C VAL D 24 10.28 -24.25 -8.34
N GLU D 25 11.18 -23.47 -8.95
CA GLU D 25 10.72 -22.36 -9.76
C GLU D 25 11.74 -21.99 -10.83
N TYR D 26 11.24 -21.51 -11.97
CA TYR D 26 12.02 -20.71 -12.92
C TYR D 26 11.72 -19.24 -12.66
N PRO D 27 12.53 -18.55 -11.87
CA PRO D 27 12.25 -17.14 -11.56
C PRO D 27 12.63 -16.21 -12.70
N GLU D 28 11.63 -15.54 -13.28
CA GLU D 28 11.86 -14.42 -14.19
C GLU D 28 12.36 -13.15 -13.50
N GLY D 29 12.46 -13.15 -12.16
CA GLY D 29 12.86 -11.96 -11.44
C GLY D 29 14.32 -11.58 -11.70
N TYR D 30 14.62 -10.29 -11.45
CA TYR D 30 15.95 -9.73 -11.67
C TYR D 30 17.05 -10.57 -11.03
N VAL D 31 18.19 -10.66 -11.71
CA VAL D 31 19.35 -11.41 -11.25
C VAL D 31 20.61 -10.58 -11.45
N ALA D 32 21.60 -10.82 -10.59
CA ALA D 32 22.97 -10.34 -10.82
C ALA D 32 23.89 -11.52 -11.01
N TYR D 33 24.63 -11.53 -12.12
CA TYR D 33 25.69 -12.50 -12.39
C TYR D 33 27.09 -11.94 -12.11
N SER D 34 27.83 -12.65 -11.27
CA SER D 34 29.29 -12.56 -11.34
C SER D 34 29.78 -13.35 -12.55
N LYS D 35 29.35 -14.60 -12.67
CA LYS D 35 29.40 -15.41 -13.87
C LYS D 35 28.08 -16.18 -13.97
N ALA D 36 27.97 -17.02 -15.00
CA ALA D 36 26.93 -18.04 -15.02
C ALA D 36 27.35 -19.11 -14.03
N THR D 37 26.59 -19.25 -12.95
CA THR D 37 27.04 -20.01 -11.78
C THR D 37 25.95 -20.98 -11.35
N GLU D 38 26.40 -22.00 -10.63
CA GLU D 38 25.57 -23.04 -10.03
C GLU D 38 26.05 -23.23 -8.60
N VAL D 39 25.23 -22.84 -7.64
CA VAL D 39 25.59 -23.02 -6.24
C VAL D 39 24.61 -23.99 -5.62
N THR D 40 25.09 -24.75 -4.65
CA THR D 40 24.27 -25.76 -4.00
C THR D 40 24.66 -25.84 -2.54
N GLY D 41 23.67 -25.80 -1.66
CA GLY D 41 23.97 -25.95 -0.24
C GLY D 41 22.72 -25.77 0.61
N LYS D 42 22.95 -25.84 1.92
CA LYS D 42 21.90 -25.60 2.90
C LYS D 42 21.31 -24.20 2.73
N LEU D 43 19.98 -24.11 2.82
CA LEU D 43 19.30 -22.83 2.79
C LEU D 43 18.99 -22.39 4.21
N VAL D 44 19.20 -21.11 4.48
CA VAL D 44 19.18 -20.53 5.81
C VAL D 44 18.59 -19.13 5.73
N HIS D 45 17.72 -18.80 6.69
CA HIS D 45 17.07 -17.50 6.69
C HIS D 45 17.91 -16.52 7.50
N ALA D 46 17.98 -15.28 7.03
CA ALA D 46 18.75 -14.23 7.71
C ALA D 46 17.92 -12.96 7.89
N ASN D 47 16.59 -13.11 8.03
CA ASN D 47 15.67 -12.00 8.24
C ASN D 47 15.80 -10.95 7.13
N PHE D 48 16.15 -9.72 7.47
CA PHE D 48 16.39 -8.67 6.47
C PHE D 48 17.83 -8.67 5.96
N GLY D 49 18.68 -9.54 6.47
CA GLY D 49 20.05 -9.57 6.01
C GLY D 49 20.89 -8.42 6.50
N THR D 50 20.48 -7.76 7.57
CA THR D 50 21.33 -6.73 8.14
C THR D 50 22.50 -7.36 8.89
N LYS D 51 23.46 -6.52 9.24
CA LYS D 51 24.63 -6.99 9.98
C LYS D 51 24.22 -7.63 11.30
N LYS D 52 23.32 -6.97 12.05
CA LYS D 52 22.86 -7.50 13.31
C LYS D 52 22.00 -8.76 13.13
N ASP D 53 21.21 -8.82 12.06
CA ASP D 53 20.43 -10.03 11.80
C ASP D 53 21.34 -11.25 11.68
N PHE D 54 22.42 -11.12 10.90
CA PHE D 54 23.41 -12.20 10.84
C PHE D 54 24.07 -12.41 12.20
N GLU D 55 24.33 -11.33 12.94
CA GLU D 55 24.97 -11.45 14.23
C GLU D 55 24.14 -12.30 15.20
N ASP D 56 22.83 -12.06 15.24
CA ASP D 56 21.96 -12.72 16.19
C ASP D 56 21.56 -14.13 15.78
N LEU D 57 21.93 -14.59 14.59
CA LEU D 57 21.55 -15.94 14.18
C LEU D 57 22.25 -16.98 15.06
N ASP D 58 21.53 -18.05 15.37
CA ASP D 58 22.05 -19.12 16.21
C ASP D 58 22.46 -20.33 15.39
N TYR D 59 23.05 -20.12 14.21
CA TYR D 59 23.27 -21.23 13.30
C TYR D 59 24.14 -20.76 12.14
N ALA D 60 24.91 -21.69 11.57
CA ALA D 60 26.01 -21.34 10.69
C ALA D 60 25.53 -20.85 9.33
N VAL D 61 26.20 -19.82 8.83
CA VAL D 61 25.88 -19.26 7.53
C VAL D 61 26.90 -19.67 6.47
N ASN D 62 28.15 -19.96 6.84
CA ASN D 62 29.19 -20.29 5.88
C ASN D 62 28.80 -21.50 5.04
N GLY D 63 29.17 -21.46 3.76
CA GLY D 63 28.85 -22.56 2.86
C GLY D 63 27.36 -22.78 2.61
N SER D 64 26.53 -21.81 2.95
CA SER D 64 25.08 -21.93 2.82
C SER D 64 24.51 -20.81 1.97
N ILE D 65 23.38 -21.08 1.34
CA ILE D 65 22.61 -20.04 0.66
C ILE D 65 21.69 -19.39 1.68
N VAL D 66 21.63 -18.07 1.67
CA VAL D 66 20.78 -17.32 2.59
C VAL D 66 19.55 -16.83 1.85
N ILE D 67 18.39 -16.93 2.51
CA ILE D 67 17.16 -16.31 2.05
C ILE D 67 16.83 -15.15 2.99
N VAL D 68 16.57 -13.98 2.43
CA VAL D 68 16.32 -12.77 3.19
C VAL D 68 15.11 -12.04 2.60
N ARG D 69 14.51 -11.20 3.43
CA ARG D 69 13.40 -10.35 3.03
C ARG D 69 13.91 -9.03 2.49
N ALA D 70 13.24 -8.53 1.46
CA ALA D 70 13.49 -7.16 1.07
C ALA D 70 12.95 -6.22 2.13
N GLY D 71 13.64 -5.10 2.34
CA GLY D 71 13.08 -4.13 3.25
C GLY D 71 13.97 -3.09 3.88
N LYS D 72 14.72 -3.46 4.91
CA LYS D 72 15.28 -2.40 5.75
C LYS D 72 16.54 -1.79 5.15
N ILE D 73 17.31 -2.58 4.42
CA ILE D 73 18.56 -2.13 3.82
C ILE D 73 18.51 -2.47 2.35
N THR D 74 19.38 -1.83 1.58
CA THR D 74 19.43 -2.13 0.15
C THR D 74 19.97 -3.53 -0.07
N ILE D 75 19.54 -4.15 -1.19
CA ILE D 75 19.92 -5.53 -1.46
C ILE D 75 21.44 -5.66 -1.60
N ALA D 76 22.12 -4.61 -2.07
CA ALA D 76 23.58 -4.65 -2.10
C ALA D 76 24.15 -4.80 -0.70
N GLU D 77 23.60 -4.09 0.30
CA GLU D 77 24.08 -4.31 1.67
C GLU D 77 23.76 -5.71 2.16
N LYS D 78 22.59 -6.25 1.76
CA LYS D 78 22.23 -7.60 2.15
C LYS D 78 23.25 -8.60 1.63
N VAL D 79 23.59 -8.51 0.35
CA VAL D 79 24.51 -9.51 -0.22
C VAL D 79 25.92 -9.26 0.30
N ALA D 80 26.28 -7.99 0.57
CA ALA D 80 27.59 -7.72 1.14
C ALA D 80 27.72 -8.35 2.53
N ASN D 81 26.68 -8.26 3.35
CA ASN D 81 26.72 -8.90 4.66
C ASN D 81 26.76 -10.43 4.53
N ALA D 82 25.91 -10.99 3.67
CA ALA D 82 25.90 -12.43 3.46
C ALA D 82 27.27 -12.94 3.07
N GLN D 83 27.88 -12.30 2.08
CA GLN D 83 29.21 -12.65 1.64
C GLN D 83 30.23 -12.41 2.75
N SER D 84 30.04 -11.36 3.55
CA SER D 84 30.89 -11.13 4.71
C SER D 84 30.91 -12.32 5.65
N PHE D 85 29.77 -13.01 5.80
CA PHE D 85 29.73 -14.23 6.60
C PHE D 85 29.89 -15.51 5.75
N ASN D 86 30.47 -15.39 4.55
CA ASN D 86 30.85 -16.53 3.72
C ASN D 86 29.65 -17.34 3.24
N ALA D 87 28.56 -16.67 2.89
CA ALA D 87 27.47 -17.35 2.21
C ALA D 87 27.81 -17.55 0.74
N ILE D 88 27.20 -18.58 0.14
CA ILE D 88 27.52 -18.91 -1.24
C ILE D 88 26.46 -18.40 -2.22
N GLY D 89 25.33 -17.91 -1.72
CA GLY D 89 24.29 -17.36 -2.57
C GLY D 89 23.23 -16.70 -1.72
N VAL D 90 22.43 -15.86 -2.37
CA VAL D 90 21.40 -15.09 -1.68
C VAL D 90 20.11 -15.17 -2.46
N LEU D 91 19.03 -15.51 -1.77
CA LEU D 91 17.69 -15.44 -2.32
C LEU D 91 16.92 -14.32 -1.63
N ILE D 92 16.27 -13.46 -2.40
CA ILE D 92 15.50 -12.36 -1.85
C ILE D 92 14.05 -12.57 -2.25
N TYR D 93 13.15 -12.56 -1.27
CA TYR D 93 11.72 -12.61 -1.54
C TYR D 93 11.08 -11.39 -0.89
N LYS D 94 9.94 -10.99 -1.42
CA LYS D 94 9.32 -9.73 -1.01
C LYS D 94 8.21 -10.04 -0.03
N ASP D 95 8.27 -9.42 1.14
CA ASP D 95 7.35 -9.68 2.23
C ASP D 95 5.99 -9.01 1.92
N ARG D 96 4.98 -9.33 2.74
CA ARG D 96 3.66 -8.74 2.53
C ARG D 96 3.64 -7.27 2.94
N THR D 97 4.32 -6.93 4.03
CA THR D 97 4.52 -5.54 4.40
C THR D 97 5.82 -5.02 3.80
N LYS D 98 5.76 -3.87 3.14
CA LYS D 98 6.93 -3.26 2.52
C LYS D 98 7.58 -2.27 3.48
N TYR D 99 8.84 -2.54 3.84
CA TYR D 99 9.59 -1.76 4.81
C TYR D 99 10.48 -0.76 4.10
N PRO D 100 10.42 0.53 4.44
CA PRO D 100 11.22 1.51 3.72
C PRO D 100 12.71 1.29 3.93
N ILE D 101 13.48 1.52 2.88
CA ILE D 101 14.93 1.42 2.94
C ILE D 101 15.49 2.76 3.39
N SER D 102 16.40 2.72 4.36
CA SER D 102 17.18 3.88 4.75
C SER D 102 18.66 3.53 4.63
N ARG D 103 19.46 4.46 4.11
CA ARG D 103 20.87 4.18 3.79
C ARG D 103 21.77 4.97 4.71
N ALA D 104 22.50 4.26 5.56
CA ALA D 104 23.57 4.83 6.34
C ALA D 104 24.86 4.66 5.55
N ASP D 105 25.96 5.20 6.07
CA ASP D 105 27.23 5.08 5.35
C ASP D 105 27.60 3.62 5.09
N GLU D 106 27.78 3.29 3.82
CA GLU D 106 28.09 1.95 3.34
C GLU D 106 29.22 2.03 2.32
N PRO D 107 30.18 1.10 2.38
CA PRO D 107 31.24 1.06 1.35
C PRO D 107 30.82 0.43 0.03
N LEU D 108 31.81 0.09 -0.78
CA LEU D 108 31.61 -0.50 -2.11
C LEU D 108 30.80 -1.79 -2.08
N PRO D 115 29.07 -7.75 -6.58
CA PRO D 115 28.38 -9.05 -6.50
C PRO D 115 29.19 -10.24 -7.02
N SER D 116 29.79 -11.03 -6.12
CA SER D 116 30.48 -12.24 -6.53
C SER D 116 29.65 -13.52 -6.35
N ILE D 117 28.79 -13.60 -5.35
CA ILE D 117 27.94 -14.76 -5.11
C ILE D 117 26.64 -14.57 -5.88
N PRO D 118 25.98 -15.62 -6.36
CA PRO D 118 24.74 -15.44 -7.11
C PRO D 118 23.68 -14.78 -6.25
N VAL D 119 22.86 -13.94 -6.87
CA VAL D 119 21.80 -13.22 -6.18
C VAL D 119 20.54 -13.39 -7.03
N GLN D 120 19.52 -14.02 -6.47
CA GLN D 120 18.30 -14.33 -7.19
C GLN D 120 17.11 -13.80 -6.41
N THR D 121 16.23 -13.06 -7.08
CA THR D 121 14.96 -12.66 -6.47
C THR D 121 13.88 -13.66 -6.84
N ILE D 122 13.16 -14.15 -5.83
CA ILE D 122 12.14 -15.18 -6.05
C ILE D 122 10.79 -14.66 -5.58
N SER D 123 9.73 -15.21 -6.18
CA SER D 123 8.38 -14.85 -5.77
C SER D 123 8.08 -15.35 -4.36
N ARG D 124 7.13 -14.67 -3.72
CA ARG D 124 6.71 -15.10 -2.39
C ARG D 124 6.13 -16.52 -2.42
N GLU D 125 5.54 -16.91 -3.56
CA GLU D 125 5.15 -18.31 -3.78
C GLU D 125 6.32 -19.25 -3.62
N ALA D 126 7.43 -18.98 -4.33
CA ALA D 126 8.60 -19.86 -4.24
C ALA D 126 9.20 -19.82 -2.84
N ALA D 127 9.17 -18.66 -2.20
CA ALA D 127 9.68 -18.59 -0.84
C ALA D 127 8.90 -19.51 0.08
N GLU D 128 7.56 -19.52 -0.04
CA GLU D 128 6.75 -20.38 0.82
C GLU D 128 6.87 -21.86 0.44
N LYS D 129 7.08 -22.14 -0.84
CA LYS D 129 7.35 -23.51 -1.25
C LYS D 129 8.66 -24.00 -0.66
N LEU D 130 9.66 -23.11 -0.56
CA LEU D 130 10.91 -23.49 0.12
C LEU D 130 10.69 -23.66 1.61
N PHE D 131 9.96 -22.74 2.22
CA PHE D 131 9.72 -22.80 3.65
C PHE D 131 9.02 -24.10 4.04
N GLN D 132 8.07 -24.58 3.22
CA GLN D 132 7.37 -25.80 3.61
C GLN D 132 8.29 -27.00 3.70
N ASN D 133 9.45 -26.94 3.07
CA ASN D 133 10.47 -27.98 3.14
C ASN D 133 11.51 -27.70 4.22
N MET D 134 11.35 -26.62 4.97
CA MET D 134 12.27 -26.17 6.01
C MET D 134 11.65 -26.34 7.39
N GLU D 135 12.44 -26.08 8.42
CA GLU D 135 12.03 -26.35 9.79
C GLU D 135 12.38 -25.16 10.69
N ARG D 136 11.72 -25.13 11.86
CA ARG D 136 11.89 -24.13 12.93
C ARG D 136 11.16 -22.83 12.63
N ASP D 137 10.21 -22.46 13.48
CA ASP D 137 9.44 -21.23 13.27
C ASP D 137 10.34 -20.01 13.41
N CYS D 138 10.01 -18.97 12.63
CA CYS D 138 10.74 -17.71 12.72
C CYS D 138 10.30 -16.96 13.98
N PRO D 139 11.21 -16.22 14.61
CA PRO D 139 10.86 -15.49 15.83
C PRO D 139 9.67 -14.56 15.62
N ARG D 140 8.75 -14.54 16.61
CA ARG D 140 7.62 -13.62 16.53
C ARG D 140 8.08 -12.17 16.40
N SER D 141 9.25 -11.84 16.95
CA SER D 141 9.74 -10.47 16.85
C SER D 141 9.92 -10.03 15.40
N TRP D 142 10.05 -10.97 14.45
CA TRP D 142 10.23 -10.55 13.06
C TRP D 142 8.95 -9.99 12.46
N ASN D 143 7.80 -10.34 13.02
CA ASN D 143 6.50 -9.90 12.52
C ASN D 143 6.35 -10.22 11.04
N THR D 144 6.50 -11.51 10.72
CA THR D 144 6.32 -12.02 9.37
C THR D 144 5.35 -13.21 9.39
N ASP D 145 4.94 -13.65 8.20
CA ASP D 145 3.94 -14.71 8.09
C ASP D 145 4.39 -15.99 8.78
N SER D 146 3.41 -16.78 9.21
CA SER D 146 3.67 -18.03 9.91
C SER D 146 4.30 -19.09 9.03
N SER D 147 4.23 -18.94 7.71
CA SER D 147 4.89 -19.90 6.83
C SER D 147 6.41 -19.82 6.91
N CYS D 148 6.93 -18.72 7.46
CA CYS D 148 8.37 -18.54 7.56
C CYS D 148 9.03 -19.64 8.38
N LYS D 149 10.18 -20.13 7.90
CA LYS D 149 11.00 -21.06 8.65
C LYS D 149 12.48 -20.71 8.45
N LEU D 150 13.32 -21.26 9.33
CA LEU D 150 14.71 -20.84 9.47
C LEU D 150 15.71 -21.73 8.73
N GLU D 151 15.63 -23.04 8.91
CA GLU D 151 16.69 -23.94 8.50
C GLU D 151 16.16 -24.97 7.52
N LEU D 152 16.97 -25.30 6.51
CA LEU D 152 16.76 -26.47 5.66
C LEU D 152 17.60 -27.62 6.21
N LEU D 153 16.94 -28.58 6.85
CA LEU D 153 17.60 -29.69 7.52
C LEU D 153 17.39 -30.97 6.70
N GLN D 154 17.43 -32.13 7.37
CA GLN D 154 17.19 -33.43 6.73
C GLN D 154 18.17 -33.71 5.61
N ASN D 155 19.36 -33.13 5.69
CA ASN D 155 20.41 -33.28 4.66
C ASN D 155 19.94 -32.82 3.27
N ARG D 156 18.89 -32.02 3.21
CA ARG D 156 18.45 -31.46 1.95
C ARG D 156 19.36 -30.31 1.55
N ASN D 157 19.29 -29.96 0.26
CA ASN D 157 20.05 -28.86 -0.31
C ASN D 157 19.16 -28.07 -1.26
N VAL D 158 19.54 -26.82 -1.49
CA VAL D 158 18.92 -25.99 -2.52
C VAL D 158 19.99 -25.73 -3.58
N LYS D 159 19.56 -25.79 -4.84
CA LYS D 159 20.41 -25.61 -6.01
C LYS D 159 19.91 -24.37 -6.76
N LEU D 160 20.73 -23.32 -6.76
CA LEU D 160 20.46 -22.08 -7.48
C LEU D 160 21.34 -22.03 -8.73
N THR D 161 20.72 -21.90 -9.89
CA THR D 161 21.46 -21.79 -11.15
C THR D 161 21.12 -20.47 -11.81
N VAL D 162 22.14 -19.63 -12.01
CA VAL D 162 22.00 -18.32 -12.61
C VAL D 162 22.79 -18.32 -13.91
N ASN D 163 22.10 -18.21 -15.05
CA ASN D 163 22.76 -18.23 -16.35
C ASN D 163 22.64 -16.89 -17.07
N PRO E 5 -14.35 23.91 -1.26
CA PRO E 5 -15.20 23.88 -2.46
C PRO E 5 -16.52 24.62 -2.25
N SER E 6 -17.06 25.19 -3.33
CA SER E 6 -18.31 25.94 -3.30
C SER E 6 -19.41 25.18 -4.02
N LEU E 7 -20.65 25.33 -3.54
CA LEU E 7 -21.77 24.52 -3.99
C LEU E 7 -22.82 25.40 -4.64
N CYS E 8 -23.43 24.91 -5.73
CA CYS E 8 -24.58 25.60 -6.30
C CYS E 8 -25.54 24.58 -6.90
N MET E 9 -26.83 24.83 -6.76
CA MET E 9 -27.84 24.01 -7.41
C MET E 9 -28.43 24.79 -8.56
N LEU E 10 -28.43 24.19 -9.76
CA LEU E 10 -29.00 24.83 -10.93
C LEU E 10 -30.51 24.98 -10.79
N ASN E 11 -31.21 23.85 -10.73
CA ASN E 11 -32.64 23.82 -10.49
C ASN E 11 -32.93 22.58 -9.65
N ASN E 12 -34.20 22.18 -9.60
CA ASN E 12 -34.61 21.04 -8.78
C ASN E 12 -33.97 19.72 -9.22
N SER E 13 -33.50 19.63 -10.47
CA SER E 13 -33.01 18.36 -11.00
C SER E 13 -31.51 18.15 -10.81
N PHE E 14 -30.71 19.17 -11.08
CA PHE E 14 -29.25 19.05 -11.17
C PHE E 14 -28.58 19.92 -10.12
N TYR E 15 -27.69 19.32 -9.32
CA TYR E 15 -26.94 20.07 -8.32
C TYR E 15 -25.46 19.97 -8.66
N TYR E 16 -24.63 20.84 -8.09
CA TYR E 16 -23.25 20.94 -8.54
C TYR E 16 -22.32 21.32 -7.40
N MET E 17 -21.14 20.69 -7.39
CA MET E 17 -20.05 21.01 -6.49
C MET E 17 -18.87 21.51 -7.31
N ARG E 18 -18.15 22.50 -6.78
CA ARG E 18 -16.99 23.07 -7.45
C ARG E 18 -15.80 23.01 -6.52
N GLY E 19 -14.85 22.13 -6.83
CA GLY E 19 -13.64 21.99 -6.04
C GLY E 19 -12.40 22.23 -6.87
N GLY E 20 -11.65 23.28 -6.53
CA GLY E 20 -10.45 23.61 -7.28
C GLY E 20 -10.78 23.91 -8.73
N VAL E 21 -10.11 23.19 -9.64
CA VAL E 21 -10.34 23.36 -11.07
C VAL E 21 -11.44 22.47 -11.59
N ASN E 22 -11.99 21.57 -10.77
CA ASN E 22 -12.93 20.57 -11.23
C ASN E 22 -14.34 20.86 -10.71
N THR E 23 -15.33 20.41 -11.48
CA THR E 23 -16.74 20.60 -11.17
C THR E 23 -17.43 19.24 -11.27
N PHE E 24 -18.25 18.91 -10.27
CA PHE E 24 -18.88 17.60 -10.19
C PHE E 24 -20.39 17.78 -10.19
N LEU E 25 -21.07 17.04 -11.06
CA LEU E 25 -22.52 16.96 -11.05
C LEU E 25 -23.01 16.01 -9.96
N ILE E 26 -24.07 16.42 -9.27
CA ILE E 26 -24.66 15.65 -8.19
C ILE E 26 -26.17 15.59 -8.46
N ARG E 27 -26.71 14.37 -8.48
CA ARG E 27 -28.12 14.13 -8.74
C ARG E 27 -28.69 13.21 -7.68
N VAL E 28 -30.02 13.25 -7.51
CA VAL E 28 -30.72 12.37 -6.59
C VAL E 28 -31.93 11.79 -7.33
N SER E 29 -31.93 10.48 -7.53
CA SER E 29 -33.01 9.81 -8.26
C SER E 29 -32.97 8.34 -7.92
N ASP E 30 -33.94 7.60 -8.45
CA ASP E 30 -34.16 6.19 -8.11
C ASP E 30 -33.57 5.22 -9.14
N ILE E 31 -32.53 5.62 -9.87
CA ILE E 31 -31.88 4.76 -10.84
C ILE E 31 -30.44 4.53 -10.43
N SER E 32 -29.99 3.28 -10.52
CA SER E 32 -28.61 2.89 -10.28
C SER E 32 -28.05 2.19 -11.50
N VAL E 33 -26.80 2.50 -11.85
CA VAL E 33 -26.09 1.82 -12.93
C VAL E 33 -24.82 1.14 -12.43
N LEU E 34 -24.70 0.96 -11.11
CA LEU E 34 -23.56 0.25 -10.51
C LEU E 34 -24.08 -0.89 -9.65
N MET E 35 -23.28 -1.94 -9.53
CA MET E 35 -23.66 -3.11 -8.74
C MET E 35 -22.52 -3.49 -7.82
N LYS E 36 -22.87 -4.07 -6.66
CA LYS E 36 -21.85 -4.54 -5.72
C LYS E 36 -20.93 -5.57 -6.38
N GLU E 37 -21.49 -6.42 -7.24
CA GLU E 37 -20.77 -7.54 -7.81
C GLU E 37 -19.72 -7.13 -8.84
N TYR E 38 -19.89 -5.96 -9.48
CA TYR E 38 -19.02 -5.59 -10.60
C TYR E 38 -18.20 -4.33 -10.36
N ASP E 39 -18.59 -3.48 -9.43
CA ASP E 39 -17.99 -2.17 -9.29
C ASP E 39 -17.31 -2.04 -7.93
N VAL E 40 -16.62 -0.92 -7.72
CA VAL E 40 -15.72 -0.75 -6.60
C VAL E 40 -16.49 -0.26 -5.38
N SER E 41 -16.29 -0.93 -4.24
CA SER E 41 -16.91 -0.55 -2.98
C SER E 41 -15.94 0.28 -2.17
N ILE E 42 -16.41 1.39 -1.62
CA ILE E 42 -15.57 2.35 -0.91
C ILE E 42 -15.85 2.15 0.58
N TYR E 43 -14.98 1.40 1.25
CA TYR E 43 -15.17 1.10 2.66
C TYR E 43 -14.64 2.21 3.56
N GLU E 44 -13.63 2.93 3.12
CA GLU E 44 -13.00 4.01 3.87
C GLU E 44 -12.62 5.11 2.90
N PRO E 45 -12.49 6.36 3.38
CA PRO E 45 -12.28 7.49 2.46
C PRO E 45 -11.09 7.32 1.52
N GLU E 46 -10.03 6.64 1.97
CA GLU E 46 -8.87 6.40 1.13
C GLU E 46 -9.27 5.77 -0.20
N ASP E 47 -10.20 4.80 -0.16
CA ASP E 47 -10.63 4.10 -1.35
C ASP E 47 -11.23 5.04 -2.40
N LEU E 48 -11.70 6.22 -1.98
CA LEU E 48 -12.21 7.21 -2.93
C LEU E 48 -11.20 7.57 -4.01
N GLY E 49 -9.91 7.31 -3.77
CA GLY E 49 -8.92 7.55 -4.79
C GLY E 49 -8.99 6.57 -5.96
N ASN E 50 -10.07 5.79 -6.05
CA ASN E 50 -10.26 4.85 -7.15
C ASN E 50 -11.41 5.22 -8.07
N CYS E 51 -12.04 6.37 -7.87
CA CYS E 51 -13.32 6.64 -8.52
C CYS E 51 -13.26 7.72 -9.59
N LEU E 52 -12.20 8.51 -9.67
CA LEU E 52 -12.18 9.69 -10.52
C LEU E 52 -11.09 9.60 -11.59
N ASN E 53 -11.31 10.33 -12.69
CA ASN E 53 -10.38 10.29 -13.82
C ASN E 53 -9.00 10.80 -13.43
N LYS E 54 -8.94 11.94 -12.76
CA LYS E 54 -7.70 12.46 -12.20
C LYS E 54 -7.71 12.29 -10.69
N SER E 55 -6.55 11.92 -10.14
CA SER E 55 -6.48 11.51 -8.75
C SER E 55 -6.68 12.70 -7.80
N ASP E 56 -6.05 13.83 -8.10
CA ASP E 56 -6.05 14.97 -7.19
C ASP E 56 -7.47 15.38 -6.80
N SER E 57 -8.35 15.51 -7.80
CA SER E 57 -9.72 15.96 -7.55
C SER E 57 -10.45 15.13 -6.52
N SER E 58 -9.98 13.89 -6.25
CA SER E 58 -10.60 13.06 -5.24
C SER E 58 -10.71 13.77 -3.90
N TRP E 59 -9.79 14.71 -3.62
CA TRP E 59 -9.82 15.42 -2.35
C TRP E 59 -11.19 16.05 -2.11
N ALA E 60 -11.76 16.65 -3.16
CA ALA E 60 -13.08 17.29 -2.99
C ALA E 60 -14.11 16.28 -2.51
N ILE E 61 -14.13 15.09 -3.13
CA ILE E 61 -15.05 14.04 -2.70
C ILE E 61 -14.85 13.75 -1.24
N HIS E 62 -13.58 13.65 -0.82
CA HIS E 62 -13.25 13.41 0.59
C HIS E 62 -14.07 14.34 1.47
N TRP E 63 -13.92 15.65 1.25
CA TRP E 63 -14.70 16.62 2.03
C TRP E 63 -16.19 16.35 1.89
N PHE E 64 -16.67 16.24 0.63
CA PHE E 64 -18.11 16.19 0.37
C PHE E 64 -18.80 15.07 1.13
N SER E 65 -18.21 13.88 1.15
CA SER E 65 -18.79 12.79 1.91
C SER E 65 -18.98 13.19 3.38
N ASN E 66 -17.90 13.69 3.99
CA ASN E 66 -17.99 14.12 5.38
C ASN E 66 -18.99 15.25 5.56
N ALA E 67 -19.22 16.04 4.50
CA ALA E 67 -20.21 17.11 4.61
C ALA E 67 -21.63 16.58 4.67
N LEU E 68 -21.92 15.44 4.05
CA LEU E 68 -23.27 14.92 4.06
C LEU E 68 -23.64 14.23 5.37
N GLY E 69 -22.65 13.81 6.15
CA GLY E 69 -22.90 13.07 7.37
C GLY E 69 -22.64 11.58 7.27
N HIS E 70 -22.03 11.13 6.18
CA HIS E 70 -21.80 9.70 5.97
C HIS E 70 -20.88 9.11 7.03
N ASP E 71 -21.33 8.01 7.64
CA ASP E 71 -20.50 7.24 8.56
C ASP E 71 -19.79 6.15 7.77
N TRP E 72 -18.48 6.24 7.65
CA TRP E 72 -17.66 5.21 7.05
C TRP E 72 -17.53 3.97 7.95
N LEU E 73 -18.24 3.91 9.08
CA LEU E 73 -18.09 2.81 10.04
C LEU E 73 -19.24 1.80 10.05
N MET E 74 -20.48 2.26 10.17
CA MET E 74 -21.64 1.36 10.13
C MET E 74 -22.45 1.51 8.86
N ASP E 75 -22.43 2.68 8.25
CA ASP E 75 -23.30 2.92 7.11
C ASP E 75 -22.76 2.18 5.90
N PRO E 76 -23.62 1.84 4.94
CA PRO E 76 -23.18 1.07 3.77
C PRO E 76 -22.11 1.81 2.99
N PRO E 77 -21.10 1.09 2.51
CA PRO E 77 -20.09 1.73 1.64
C PRO E 77 -20.71 2.16 0.33
N MET E 78 -20.33 3.35 -0.14
CA MET E 78 -20.81 3.76 -1.46
C MET E 78 -20.05 3.04 -2.56
N LEU E 79 -20.68 2.97 -3.74
CA LEU E 79 -20.12 2.29 -4.89
C LEU E 79 -19.65 3.30 -5.91
N CYS E 80 -18.59 2.94 -6.64
CA CYS E 80 -18.14 3.79 -7.74
C CYS E 80 -17.56 2.96 -8.87
N ARG E 81 -17.50 3.59 -10.05
CA ARG E 81 -16.96 2.97 -11.25
C ARG E 81 -15.44 3.11 -11.31
N ASN E 82 -14.79 2.04 -11.77
CA ASN E 82 -13.34 1.98 -11.90
C ASN E 82 -12.82 2.99 -12.92
N LYS E 83 -11.62 3.49 -12.67
CA LYS E 83 -10.98 4.45 -13.58
C LYS E 83 -10.80 3.85 -14.97
N THR E 84 -10.42 2.56 -15.03
CA THR E 84 -10.09 1.93 -16.30
C THR E 84 -11.28 1.88 -17.24
N LYS E 85 -12.49 1.74 -16.69
CA LYS E 85 -13.67 1.73 -17.53
C LYS E 85 -13.84 3.09 -18.21
N LYS E 86 -14.31 3.05 -19.46
CA LYS E 86 -14.39 4.21 -20.33
C LYS E 86 -15.72 4.94 -20.24
N GLU E 87 -16.60 4.54 -19.33
CA GLU E 87 -17.86 5.24 -19.15
C GLU E 87 -17.66 6.55 -18.39
N GLY E 88 -16.66 6.61 -17.51
CA GLY E 88 -16.45 7.83 -16.78
C GLY E 88 -16.20 7.64 -15.30
N SER E 89 -16.82 8.50 -14.52
CA SER E 89 -16.76 8.46 -13.06
C SER E 89 -18.20 8.39 -12.58
N ASN E 90 -18.51 7.41 -11.74
CA ASN E 90 -19.86 7.34 -11.22
C ASN E 90 -19.79 6.88 -9.77
N ILE E 91 -20.16 7.75 -8.84
CA ILE E 91 -20.17 7.44 -7.42
C ILE E 91 -21.62 7.41 -6.95
N GLN E 92 -22.01 6.27 -6.37
CA GLN E 92 -23.41 6.03 -6.07
C GLN E 92 -23.57 6.00 -4.55
N PHE E 93 -24.51 6.78 -4.04
CA PHE E 93 -24.90 6.76 -2.63
C PHE E 93 -26.27 6.13 -2.49
N ASN E 94 -26.36 5.07 -1.70
CA ASN E 94 -27.64 4.39 -1.46
C ASN E 94 -28.36 5.09 -0.30
N ILE E 95 -29.45 5.82 -0.60
CA ILE E 95 -30.15 6.66 0.39
C ILE E 95 -31.65 6.34 0.39
N SER E 96 -32.00 5.12 -0.01
CA SER E 96 -33.38 4.73 -0.25
C SER E 96 -34.28 4.93 0.99
N LYS E 97 -35.55 5.27 0.72
CA LYS E 97 -36.56 5.32 1.78
C LYS E 97 -37.10 3.94 2.06
N ALA E 98 -36.25 2.95 2.32
CA ALA E 98 -36.75 1.60 2.54
C ALA E 98 -35.66 0.73 3.16
N ASP E 99 -36.11 -0.41 3.70
CA ASP E 99 -35.28 -1.56 4.13
C ASP E 99 -34.10 -1.10 4.99
N ASP E 100 -32.87 -1.47 4.63
CA ASP E 100 -31.66 -1.31 5.42
C ASP E 100 -31.02 0.06 5.26
N ALA E 101 -31.43 0.84 4.26
CA ALA E 101 -30.85 2.15 4.02
C ALA E 101 -31.69 3.29 4.58
N ARG E 102 -32.83 3.00 5.21
CA ARG E 102 -33.76 4.05 5.60
C ARG E 102 -33.12 5.08 6.53
N VAL E 103 -32.72 4.66 7.74
CA VAL E 103 -32.15 5.61 8.69
C VAL E 103 -31.01 6.37 8.04
N TYR E 104 -30.04 5.61 7.49
CA TYR E 104 -28.91 6.22 6.79
C TYR E 104 -29.37 7.24 5.78
N GLY E 105 -30.34 6.86 4.93
CA GLY E 105 -30.82 7.78 3.91
C GLY E 105 -31.18 9.13 4.48
N LYS E 106 -31.99 9.12 5.54
CA LYS E 106 -32.42 10.38 6.16
C LYS E 106 -31.21 11.24 6.47
N LYS E 107 -30.23 10.68 7.17
CA LYS E 107 -29.05 11.42 7.57
C LYS E 107 -28.40 12.10 6.37
N ILE E 108 -28.16 11.34 5.30
CA ILE E 108 -27.47 11.89 4.14
C ILE E 108 -28.22 13.10 3.61
N ARG E 109 -29.54 12.97 3.48
CA ARG E 109 -30.34 14.04 2.93
C ARG E 109 -30.32 15.27 3.82
N ASN E 110 -30.28 15.06 5.15
CA ASN E 110 -30.13 16.21 6.04
C ASN E 110 -28.87 16.99 5.68
N GLY E 111 -27.77 16.29 5.38
CA GLY E 111 -26.58 16.95 4.89
C GLY E 111 -26.88 17.82 3.68
N MET E 112 -27.61 17.27 2.71
CA MET E 112 -28.00 18.04 1.53
C MET E 112 -28.74 19.30 1.93
N ARG E 113 -29.65 19.19 2.92
CA ARG E 113 -30.44 20.34 3.34
C ARG E 113 -29.55 21.44 3.89
N HIS E 114 -28.39 21.08 4.44
CA HIS E 114 -27.43 22.05 4.92
C HIS E 114 -26.50 22.54 3.82
N LEU E 115 -26.29 21.76 2.77
CA LEU E 115 -25.32 22.14 1.74
C LEU E 115 -25.94 22.89 0.57
N PHE E 116 -27.17 22.56 0.19
CA PHE E 116 -27.86 23.18 -0.94
C PHE E 116 -29.16 23.75 -0.42
N ARG E 117 -29.18 25.07 -0.22
CA ARG E 117 -30.39 25.75 0.22
C ARG E 117 -31.48 25.61 -0.84
N GLY E 118 -32.66 25.16 -0.40
CA GLY E 118 -33.72 24.81 -1.33
C GLY E 118 -33.68 23.37 -1.82
N PHE E 119 -33.10 22.46 -1.04
CA PHE E 119 -33.05 21.05 -1.42
C PHE E 119 -34.44 20.44 -1.49
N HIS E 120 -34.71 19.70 -2.56
CA HIS E 120 -35.95 18.96 -2.74
C HIS E 120 -35.67 17.48 -2.57
N ASP E 121 -36.48 16.82 -1.73
CA ASP E 121 -36.33 15.39 -1.48
C ASP E 121 -37.23 14.62 -2.45
N PRO E 122 -36.67 13.94 -3.47
CA PRO E 122 -37.52 13.18 -4.39
C PRO E 122 -37.75 11.72 -4.00
N CYS E 123 -37.04 11.22 -3.01
CA CYS E 123 -37.16 9.81 -2.65
C CYS E 123 -38.60 9.52 -2.20
N GLU E 124 -39.14 8.39 -2.62
CA GLU E 124 -40.45 7.93 -2.18
C GLU E 124 -40.34 6.82 -1.14
N GLU E 125 -41.33 6.77 -0.24
CA GLU E 125 -41.28 5.84 0.87
C GLU E 125 -41.51 4.41 0.39
N GLY E 126 -40.70 3.49 0.90
CA GLY E 126 -40.77 2.09 0.51
C GLY E 126 -40.09 1.76 -0.80
N LYS E 127 -39.64 2.75 -1.55
CA LYS E 127 -38.97 2.55 -2.83
C LYS E 127 -37.48 2.85 -2.69
N VAL E 128 -36.76 2.58 -3.76
CA VAL E 128 -35.31 2.69 -3.79
C VAL E 128 -34.93 4.10 -4.21
N CYS E 129 -33.81 4.60 -3.68
CA CYS E 129 -33.39 5.96 -3.99
C CYS E 129 -31.87 6.05 -3.85
N TYR E 130 -31.27 6.92 -4.67
CA TYR E 130 -29.81 7.01 -4.82
C TYR E 130 -29.39 8.45 -5.06
N LEU E 131 -28.15 8.75 -4.68
CA LEU E 131 -27.46 10.01 -4.98
C LEU E 131 -26.23 9.71 -5.84
N THR E 132 -26.11 10.39 -6.98
CA THR E 132 -25.07 10.07 -7.95
C THR E 132 -24.14 11.25 -8.15
N ILE E 133 -22.84 10.97 -8.20
CA ILE E 133 -21.81 11.97 -8.42
C ILE E 133 -21.06 11.61 -9.70
N ASN E 134 -20.98 12.57 -10.62
CA ASN E 134 -20.27 12.41 -11.89
C ASN E 134 -19.33 13.59 -12.08
N GLN E 135 -18.05 13.32 -12.29
CA GLN E 135 -17.13 14.41 -12.58
C GLN E 135 -17.41 14.98 -13.97
N CYS E 136 -17.47 16.30 -14.07
CA CYS E 136 -17.73 16.95 -15.35
C CYS E 136 -16.57 16.74 -16.31
N GLY E 137 -16.92 16.56 -17.59
CA GLY E 137 -15.99 16.22 -18.64
C GLY E 137 -16.02 14.74 -19.01
N ASP E 138 -16.28 13.87 -18.04
CA ASP E 138 -16.41 12.45 -18.31
C ASP E 138 -17.69 12.19 -19.12
N PRO E 139 -17.72 11.11 -19.91
CA PRO E 139 -18.94 10.77 -20.64
C PRO E 139 -20.14 10.54 -19.75
N SER E 140 -19.93 10.26 -18.46
CA SER E 140 -21.04 9.96 -17.57
C SER E 140 -21.83 11.19 -17.15
N SER E 141 -21.27 12.39 -17.31
CA SER E 141 -21.99 13.64 -17.06
C SER E 141 -22.69 14.18 -18.31
N PHE E 142 -22.48 13.52 -19.45
CA PHE E 142 -23.01 13.92 -20.75
C PHE E 142 -22.70 15.39 -21.01
N ASP E 143 -23.69 16.15 -21.49
CA ASP E 143 -23.55 17.59 -21.68
C ASP E 143 -24.23 18.39 -20.57
N TYR E 144 -24.40 17.79 -19.40
CA TYR E 144 -25.01 18.50 -18.29
C TYR E 144 -24.06 19.47 -17.62
N CYS E 145 -22.79 19.51 -18.05
CA CYS E 145 -21.80 20.43 -17.51
C CYS E 145 -21.36 21.47 -18.55
N GLY E 146 -22.16 21.70 -19.58
CA GLY E 146 -21.85 22.69 -20.59
C GLY E 146 -22.13 24.09 -20.09
N VAL E 147 -22.20 25.03 -21.04
CA VAL E 147 -22.44 26.42 -20.65
C VAL E 147 -23.92 26.62 -20.31
N ASN E 148 -24.82 25.98 -21.06
CA ASN E 148 -26.25 26.13 -20.86
C ASN E 148 -26.70 25.68 -19.47
N HIS E 149 -25.85 24.97 -18.74
CA HIS E 149 -26.16 24.53 -17.39
C HIS E 149 -25.40 25.30 -16.32
N LEU E 150 -24.07 25.28 -16.35
CA LEU E 150 -23.29 25.99 -15.34
C LEU E 150 -23.47 27.50 -15.42
N SER E 151 -23.95 28.03 -16.55
CA SER E 151 -24.17 29.47 -16.65
C SER E 151 -25.26 29.92 -15.68
N LYS E 152 -26.40 29.24 -15.70
CA LYS E 152 -27.56 29.64 -14.90
C LYS E 152 -27.43 29.10 -13.47
N CYS E 153 -26.19 28.94 -13.04
CA CYS E 153 -25.83 28.64 -11.65
C CYS E 153 -25.19 29.85 -11.00
N PRO F 9 -19.00 6.96 -29.74
CA PRO F 9 -19.15 5.52 -29.61
C PRO F 9 -20.57 5.11 -29.23
N ASN F 10 -20.91 3.85 -29.48
CA ASN F 10 -22.23 3.33 -29.16
C ASN F 10 -22.44 3.30 -27.65
N SER F 11 -23.68 3.53 -27.23
CA SER F 11 -23.98 3.66 -25.81
C SER F 11 -25.35 3.12 -25.48
N VAL F 12 -25.46 2.57 -24.27
CA VAL F 12 -26.73 2.22 -23.65
C VAL F 12 -26.84 3.02 -22.35
N THR F 13 -27.91 3.82 -22.22
CA THR F 13 -28.15 4.62 -21.04
C THR F 13 -29.59 4.42 -20.55
N ILE F 14 -29.83 4.75 -19.29
CA ILE F 14 -31.17 4.71 -18.69
C ILE F 14 -31.58 6.11 -18.29
N THR F 15 -32.85 6.43 -18.48
CA THR F 15 -33.44 7.68 -18.08
C THR F 15 -34.63 7.38 -17.18
N ASN F 16 -34.81 8.19 -16.15
CA ASN F 16 -36.04 8.12 -15.37
C ASN F 16 -37.06 9.07 -16.01
N ALA F 17 -38.11 9.42 -15.28
CA ALA F 17 -39.13 10.34 -15.79
C ALA F 17 -38.54 11.76 -15.80
N SER F 18 -37.70 12.03 -16.81
CA SER F 18 -37.09 13.32 -17.11
C SER F 18 -36.11 13.79 -16.04
N GLY F 19 -35.82 12.99 -15.01
CA GLY F 19 -34.85 13.39 -14.00
C GLY F 19 -33.41 13.38 -14.48
N GLY F 20 -33.14 12.76 -15.61
CA GLY F 20 -31.80 12.78 -16.18
C GLY F 20 -31.51 11.48 -16.90
N LEU F 21 -30.33 11.47 -17.52
CA LEU F 21 -29.83 10.31 -18.26
C LEU F 21 -28.61 9.76 -17.54
N TYR F 22 -28.60 8.45 -17.32
CA TYR F 22 -27.49 7.80 -16.63
C TYR F 22 -26.84 6.79 -17.57
N LEU F 23 -25.52 6.90 -17.73
CA LEU F 23 -24.79 6.04 -18.66
C LEU F 23 -24.60 4.65 -18.06
N VAL F 24 -25.15 3.63 -18.72
CA VAL F 24 -24.99 2.25 -18.28
C VAL F 24 -23.70 1.68 -18.85
N GLU F 25 -23.56 1.70 -20.18
CA GLU F 25 -22.38 1.08 -20.77
C GLU F 25 -22.05 1.72 -22.12
N TYR F 26 -20.75 1.80 -22.41
CA TYR F 26 -20.26 1.95 -23.78
C TYR F 26 -19.89 0.55 -24.24
N PRO F 27 -20.75 -0.14 -24.98
CA PRO F 27 -20.51 -1.54 -25.31
C PRO F 27 -19.39 -1.70 -26.32
N GLU F 28 -18.38 -2.46 -25.91
CA GLU F 28 -17.20 -2.77 -26.70
C GLU F 28 -17.47 -3.93 -27.65
N GLY F 29 -18.69 -4.47 -27.57
CA GLY F 29 -19.13 -5.56 -28.41
C GLY F 29 -19.32 -5.09 -29.85
N TYR F 30 -19.24 -6.03 -30.77
CA TYR F 30 -19.34 -5.77 -32.21
C TYR F 30 -20.66 -5.17 -32.67
N VAL F 31 -20.55 -4.25 -33.63
CA VAL F 31 -21.71 -3.58 -34.20
C VAL F 31 -21.50 -3.31 -35.69
N ALA F 32 -22.60 -3.08 -36.40
CA ALA F 32 -22.56 -2.82 -37.84
C ALA F 32 -23.02 -1.39 -38.15
N TYR F 33 -22.23 -0.66 -38.94
CA TYR F 33 -22.56 0.72 -39.30
C TYR F 33 -23.59 0.75 -40.42
N SER F 34 -24.85 0.53 -40.08
CA SER F 34 -25.86 0.88 -41.07
C SER F 34 -26.00 2.39 -41.19
N LYS F 35 -26.47 3.04 -40.13
CA LYS F 35 -26.34 4.48 -39.96
C LYS F 35 -26.17 4.80 -38.48
N ALA F 36 -25.99 6.08 -38.19
CA ALA F 36 -26.07 6.61 -36.82
C ALA F 36 -27.52 6.83 -36.41
N THR F 37 -27.97 6.11 -35.38
CA THR F 37 -29.37 6.10 -34.98
C THR F 37 -29.46 6.31 -33.47
N GLU F 38 -30.60 6.83 -33.02
CA GLU F 38 -30.86 7.06 -31.60
C GLU F 38 -32.29 6.62 -31.27
N VAL F 39 -32.43 5.56 -30.49
CA VAL F 39 -33.75 5.08 -30.10
C VAL F 39 -33.91 5.21 -28.60
N THR F 40 -35.14 5.50 -28.17
CA THR F 40 -35.44 5.73 -26.76
C THR F 40 -36.83 5.18 -26.46
N GLY F 41 -36.94 4.36 -25.44
CA GLY F 41 -38.26 3.84 -25.07
C GLY F 41 -38.21 2.82 -23.95
N LYS F 42 -39.40 2.30 -23.65
CA LYS F 42 -39.55 1.25 -22.65
C LYS F 42 -38.73 0.03 -23.02
N LEU F 43 -38.05 -0.54 -22.04
CA LEU F 43 -37.28 -1.75 -22.24
C LEU F 43 -38.08 -2.96 -21.75
N VAL F 44 -38.04 -4.04 -22.54
CA VAL F 44 -38.89 -5.20 -22.36
C VAL F 44 -38.10 -6.46 -22.71
N HIS F 45 -38.26 -7.51 -21.91
CA HIS F 45 -37.55 -8.76 -22.16
C HIS F 45 -38.38 -9.64 -23.10
N ALA F 46 -37.69 -10.34 -24.01
CA ALA F 46 -38.38 -11.19 -24.99
C ALA F 46 -37.74 -12.57 -25.07
N ASN F 47 -37.19 -13.04 -23.95
CA ASN F 47 -36.56 -14.35 -23.84
C ASN F 47 -35.48 -14.53 -24.90
N PHE F 48 -35.62 -15.54 -25.76
CA PHE F 48 -34.68 -15.75 -26.85
C PHE F 48 -35.05 -15.00 -28.12
N GLY F 49 -36.16 -14.27 -28.12
CA GLY F 49 -36.57 -13.53 -29.31
C GLY F 49 -37.11 -14.37 -30.44
N THR F 50 -37.51 -15.60 -30.18
CA THR F 50 -38.14 -16.40 -31.21
C THR F 50 -39.58 -15.95 -31.42
N LYS F 51 -40.18 -16.48 -32.49
CA LYS F 51 -41.57 -16.16 -32.81
C LYS F 51 -42.50 -16.57 -31.66
N LYS F 52 -42.31 -17.78 -31.13
CA LYS F 52 -43.14 -18.22 -30.02
C LYS F 52 -42.85 -17.42 -28.76
N ASP F 53 -41.59 -17.06 -28.54
CA ASP F 53 -41.26 -16.25 -27.37
C ASP F 53 -42.02 -14.93 -27.39
N PHE F 54 -42.05 -14.26 -28.54
CA PHE F 54 -42.84 -13.05 -28.64
C PHE F 54 -44.32 -13.33 -28.48
N GLU F 55 -44.80 -14.44 -29.03
CA GLU F 55 -46.22 -14.77 -28.89
C GLU F 55 -46.59 -15.01 -27.43
N ASP F 56 -45.73 -15.72 -26.69
CA ASP F 56 -46.11 -16.11 -25.34
C ASP F 56 -45.99 -14.98 -24.33
N LEU F 57 -45.45 -13.83 -24.73
CA LEU F 57 -45.41 -12.68 -23.84
C LEU F 57 -46.82 -12.18 -23.62
N ASP F 58 -47.10 -11.71 -22.41
CA ASP F 58 -48.44 -11.21 -22.07
C ASP F 58 -48.51 -9.70 -22.14
N TYR F 59 -47.82 -9.09 -23.09
CA TYR F 59 -47.65 -7.65 -23.06
C TYR F 59 -46.99 -7.17 -24.36
N ALA F 60 -47.32 -5.94 -24.74
CA ALA F 60 -47.00 -5.44 -26.06
C ALA F 60 -45.51 -5.20 -26.23
N VAL F 61 -45.00 -5.47 -27.43
CA VAL F 61 -43.59 -5.30 -27.76
C VAL F 61 -43.38 -4.04 -28.59
N ASN F 62 -44.42 -3.64 -29.33
CA ASN F 62 -44.31 -2.48 -30.21
C ASN F 62 -43.93 -1.22 -29.45
N GLY F 63 -43.14 -0.36 -30.10
CA GLY F 63 -42.69 0.87 -29.49
C GLY F 63 -41.77 0.69 -28.31
N SER F 64 -41.21 -0.51 -28.12
CA SER F 64 -40.31 -0.79 -27.02
C SER F 64 -39.01 -1.39 -27.54
N ILE F 65 -37.95 -1.18 -26.78
CA ILE F 65 -36.68 -1.83 -27.04
C ILE F 65 -36.73 -3.18 -26.35
N VAL F 66 -36.30 -4.24 -27.03
CA VAL F 66 -36.31 -5.58 -26.47
C VAL F 66 -34.89 -5.97 -26.09
N ILE F 67 -34.77 -6.62 -24.94
CA ILE F 67 -33.54 -7.29 -24.53
C ILE F 67 -33.80 -8.80 -24.62
N VAL F 68 -32.88 -9.51 -25.28
CA VAL F 68 -33.06 -10.93 -25.54
C VAL F 68 -31.76 -11.67 -25.24
N ARG F 69 -31.90 -12.97 -25.01
CA ARG F 69 -30.76 -13.84 -24.77
C ARG F 69 -30.27 -14.41 -26.09
N ALA F 70 -28.94 -14.49 -26.22
CA ALA F 70 -28.38 -15.28 -27.31
C ALA F 70 -28.63 -16.77 -27.05
N GLY F 71 -28.80 -17.53 -28.14
CA GLY F 71 -28.91 -18.97 -27.96
C GLY F 71 -29.55 -19.80 -29.05
N LYS F 72 -30.87 -19.77 -29.14
CA LYS F 72 -31.60 -20.75 -29.94
C LYS F 72 -31.58 -20.41 -31.42
N ILE F 73 -31.57 -19.12 -31.77
CA ILE F 73 -31.67 -18.69 -33.14
C ILE F 73 -30.56 -17.67 -33.43
N THR F 74 -30.28 -17.43 -34.71
CA THR F 74 -29.25 -16.45 -35.04
C THR F 74 -29.74 -15.05 -34.72
N ILE F 75 -28.80 -14.14 -34.50
CA ILE F 75 -29.14 -12.78 -34.08
C ILE F 75 -29.97 -12.06 -35.13
N ALA F 76 -29.70 -12.30 -36.42
CA ALA F 76 -30.51 -11.73 -37.47
C ALA F 76 -31.96 -12.18 -37.33
N GLU F 77 -32.14 -13.43 -36.91
CA GLU F 77 -33.45 -14.02 -36.78
C GLU F 77 -34.20 -13.30 -35.65
N LYS F 78 -33.48 -13.00 -34.55
CA LYS F 78 -34.03 -12.23 -33.42
C LYS F 78 -34.48 -10.83 -33.88
N VAL F 79 -33.61 -10.13 -34.62
CA VAL F 79 -33.94 -8.75 -34.95
C VAL F 79 -35.07 -8.70 -35.97
N ALA F 80 -35.15 -9.71 -36.85
CA ALA F 80 -36.27 -9.79 -37.77
C ALA F 80 -37.58 -10.01 -37.03
N ASN F 81 -37.55 -10.88 -36.00
CA ASN F 81 -38.78 -11.07 -35.21
C ASN F 81 -39.17 -9.81 -34.48
N ALA F 82 -38.18 -9.13 -33.87
CA ALA F 82 -38.46 -7.87 -33.18
C ALA F 82 -39.13 -6.88 -34.11
N GLN F 83 -38.59 -6.70 -35.33
CA GLN F 83 -39.24 -5.81 -36.28
C GLN F 83 -40.63 -6.30 -36.65
N SER F 84 -40.79 -7.64 -36.78
CA SER F 84 -42.10 -8.20 -37.07
C SER F 84 -43.13 -7.75 -36.05
N PHE F 85 -42.73 -7.62 -34.78
CA PHE F 85 -43.61 -7.11 -33.75
C PHE F 85 -43.38 -5.62 -33.48
N ASN F 86 -42.77 -4.91 -34.43
CA ASN F 86 -42.68 -3.44 -34.40
C ASN F 86 -41.90 -2.93 -33.19
N ALA F 87 -40.82 -3.63 -32.83
CA ALA F 87 -39.90 -3.11 -31.83
C ALA F 87 -38.99 -2.07 -32.46
N ILE F 88 -38.46 -1.19 -31.61
CA ILE F 88 -37.62 -0.09 -32.10
C ILE F 88 -36.13 -0.36 -31.91
N GLY F 89 -35.76 -1.42 -31.19
CA GLY F 89 -34.36 -1.75 -31.00
C GLY F 89 -34.23 -3.08 -30.29
N VAL F 90 -33.02 -3.63 -30.36
CA VAL F 90 -32.71 -4.94 -29.79
C VAL F 90 -31.41 -4.86 -29.01
N LEU F 91 -31.43 -5.34 -27.78
CA LEU F 91 -30.24 -5.54 -26.97
C LEU F 91 -30.06 -7.03 -26.75
N ILE F 92 -28.84 -7.53 -26.96
CA ILE F 92 -28.55 -8.95 -26.80
C ILE F 92 -27.45 -9.13 -25.76
N TYR F 93 -27.72 -9.96 -24.78
CA TYR F 93 -26.71 -10.31 -23.80
C TYR F 93 -26.54 -11.82 -23.77
N LYS F 94 -25.39 -12.25 -23.28
CA LYS F 94 -25.01 -13.64 -23.34
C LYS F 94 -25.33 -14.26 -21.99
N ASP F 95 -26.15 -15.31 -22.01
CA ASP F 95 -26.60 -15.93 -20.78
C ASP F 95 -25.47 -16.77 -20.19
N ARG F 96 -25.69 -17.29 -18.97
CA ARG F 96 -24.65 -18.10 -18.33
C ARG F 96 -24.50 -19.46 -19.00
N THR F 97 -25.62 -20.08 -19.39
CA THR F 97 -25.59 -21.31 -20.17
C THR F 97 -25.62 -20.98 -21.66
N LYS F 98 -24.75 -21.62 -22.43
CA LYS F 98 -24.69 -21.40 -23.87
C LYS F 98 -25.63 -22.37 -24.56
N TYR F 99 -26.62 -21.83 -25.26
CA TYR F 99 -27.61 -22.65 -25.94
C TYR F 99 -27.22 -22.77 -27.40
N PRO F 100 -27.10 -23.99 -27.92
CA PRO F 100 -26.66 -24.14 -29.31
C PRO F 100 -27.67 -23.54 -30.28
N ILE F 101 -27.15 -22.98 -31.38
CA ILE F 101 -28.01 -22.42 -32.42
C ILE F 101 -28.38 -23.55 -33.37
N SER F 102 -29.67 -23.67 -33.68
CA SER F 102 -30.18 -24.62 -34.65
C SER F 102 -30.88 -23.84 -35.75
N ARG F 103 -30.71 -24.29 -36.99
CA ARG F 103 -31.13 -23.49 -38.14
C ARG F 103 -32.27 -24.17 -38.88
N ALA F 104 -33.47 -23.60 -38.78
CA ALA F 104 -34.63 -23.94 -39.59
C ALA F 104 -34.70 -22.98 -40.77
N ASP F 105 -35.70 -23.21 -41.64
CA ASP F 105 -35.89 -22.36 -42.80
C ASP F 105 -36.17 -20.92 -42.39
N GLU F 106 -35.33 -19.99 -42.89
CA GLU F 106 -35.45 -18.57 -42.59
C GLU F 106 -35.35 -17.82 -43.91
N PRO F 107 -36.15 -16.78 -44.11
CA PRO F 107 -36.01 -15.96 -45.31
C PRO F 107 -34.83 -15.00 -45.25
N LEU F 108 -34.84 -14.04 -46.17
CA LEU F 108 -33.77 -13.07 -46.30
C LEU F 108 -33.51 -12.25 -45.03
N PRO F 115 -32.56 -4.83 -40.88
CA PRO F 115 -31.70 -3.95 -40.06
C PRO F 115 -32.20 -2.51 -39.96
N SER F 116 -33.51 -2.28 -40.06
CA SER F 116 -34.02 -0.93 -39.88
C SER F 116 -33.86 -0.46 -38.43
N ILE F 117 -34.00 -1.39 -37.48
CA ILE F 117 -33.86 -1.10 -36.05
C ILE F 117 -32.45 -1.34 -35.55
N PRO F 118 -31.98 -0.53 -34.60
CA PRO F 118 -30.63 -0.70 -34.04
C PRO F 118 -30.48 -1.99 -33.24
N VAL F 119 -29.26 -2.56 -33.30
CA VAL F 119 -28.94 -3.78 -32.57
C VAL F 119 -27.58 -3.65 -31.90
N GLN F 120 -27.55 -3.77 -30.57
CA GLN F 120 -26.33 -3.67 -29.79
C GLN F 120 -26.23 -4.85 -28.86
N THR F 121 -25.08 -5.52 -28.86
CA THR F 121 -24.82 -6.58 -27.89
C THR F 121 -24.17 -5.98 -26.66
N ILE F 122 -24.70 -6.33 -25.48
CA ILE F 122 -24.20 -5.78 -24.24
C ILE F 122 -23.72 -6.93 -23.36
N SER F 123 -22.79 -6.60 -22.47
CA SER F 123 -22.27 -7.58 -21.54
C SER F 123 -23.34 -8.01 -20.55
N ARG F 124 -23.16 -9.21 -19.99
CA ARG F 124 -24.08 -9.67 -18.96
C ARG F 124 -24.08 -8.71 -17.78
N GLU F 125 -22.95 -8.05 -17.55
CA GLU F 125 -22.88 -6.97 -16.57
C GLU F 125 -23.92 -5.89 -16.85
N ALA F 126 -23.94 -5.36 -18.07
CA ALA F 126 -24.89 -4.32 -18.40
C ALA F 126 -26.32 -4.83 -18.40
N ALA F 127 -26.53 -6.08 -18.83
CA ALA F 127 -27.88 -6.63 -18.79
C ALA F 127 -28.39 -6.68 -17.36
N GLU F 128 -27.56 -7.09 -16.41
CA GLU F 128 -28.01 -7.12 -15.02
C GLU F 128 -28.16 -5.72 -14.44
N LYS F 129 -27.33 -4.78 -14.90
CA LYS F 129 -27.49 -3.38 -14.49
C LYS F 129 -28.82 -2.81 -14.97
N LEU F 130 -29.25 -3.21 -16.16
CA LEU F 130 -30.58 -2.83 -16.64
C LEU F 130 -31.66 -3.54 -15.84
N PHE F 131 -31.47 -4.84 -15.57
CA PHE F 131 -32.48 -5.60 -14.84
C PHE F 131 -32.75 -5.04 -13.46
N GLN F 132 -31.70 -4.56 -12.76
CA GLN F 132 -31.92 -4.05 -11.41
C GLN F 132 -32.85 -2.85 -11.39
N ASN F 133 -32.97 -2.14 -12.50
CA ASN F 133 -33.89 -1.02 -12.63
C ASN F 133 -35.23 -1.42 -13.23
N MET F 134 -35.44 -2.71 -13.48
CA MET F 134 -36.66 -3.23 -14.07
C MET F 134 -37.42 -4.04 -13.02
N GLU F 135 -38.62 -4.47 -13.40
CA GLU F 135 -39.52 -5.11 -12.45
C GLU F 135 -40.12 -6.36 -13.07
N ARG F 136 -40.65 -7.23 -12.19
CA ARG F 136 -41.33 -8.48 -12.51
C ARG F 136 -40.36 -9.61 -12.84
N ASP F 137 -40.39 -10.68 -12.05
CA ASP F 137 -39.49 -11.81 -12.26
C ASP F 137 -39.81 -12.51 -13.58
N CYS F 138 -38.75 -13.05 -14.21
CA CYS F 138 -38.89 -13.81 -15.43
C CYS F 138 -39.46 -15.19 -15.12
N PRO F 139 -40.23 -15.77 -16.03
CA PRO F 139 -40.81 -17.09 -15.76
C PRO F 139 -39.75 -18.15 -15.47
N ARG F 140 -40.02 -18.97 -14.46
CA ARG F 140 -39.11 -20.06 -14.12
C ARG F 140 -38.84 -20.99 -15.29
N SER F 141 -39.81 -21.17 -16.18
CA SER F 141 -39.58 -22.05 -17.32
C SER F 141 -38.42 -21.57 -18.19
N TRP F 142 -38.05 -20.28 -18.13
CA TRP F 142 -36.96 -19.81 -18.97
C TRP F 142 -35.60 -20.30 -18.49
N ASN F 143 -35.51 -20.75 -17.24
CA ASN F 143 -34.27 -21.27 -16.66
C ASN F 143 -33.12 -20.29 -16.85
N THR F 144 -33.32 -19.07 -16.36
CA THR F 144 -32.31 -18.02 -16.42
C THR F 144 -32.11 -17.49 -15.00
N ASP F 145 -31.09 -16.66 -14.83
CA ASP F 145 -30.72 -16.14 -13.52
C ASP F 145 -31.88 -15.41 -12.87
N SER F 146 -31.89 -15.39 -11.52
CA SER F 146 -32.94 -14.69 -10.79
C SER F 146 -32.83 -13.18 -10.96
N SER F 147 -31.69 -12.67 -11.42
CA SER F 147 -31.55 -11.26 -11.71
C SER F 147 -32.39 -10.83 -12.90
N CYS F 148 -32.85 -11.77 -13.73
CA CYS F 148 -33.67 -11.44 -14.88
C CYS F 148 -34.95 -10.74 -14.45
N LYS F 149 -35.34 -9.73 -15.23
CA LYS F 149 -36.64 -9.09 -15.09
C LYS F 149 -37.23 -8.77 -16.46
N LEU F 150 -38.53 -8.53 -16.48
CA LEU F 150 -39.29 -8.46 -17.71
C LEU F 150 -39.48 -7.05 -18.23
N GLU F 151 -39.94 -6.13 -17.38
CA GLU F 151 -40.42 -4.82 -17.80
C GLU F 151 -39.65 -3.69 -17.13
N LEU F 152 -39.38 -2.64 -17.92
CA LEU F 152 -38.90 -1.37 -17.40
C LEU F 152 -40.10 -0.46 -17.20
N LEU F 153 -40.49 -0.25 -15.95
CA LEU F 153 -41.69 0.48 -15.59
C LEU F 153 -41.31 1.85 -15.02
N GLN F 154 -42.17 2.42 -14.17
CA GLN F 154 -41.90 3.70 -13.51
C GLN F 154 -41.65 4.81 -14.51
N ASN F 155 -42.23 4.70 -15.70
CA ASN F 155 -42.05 5.68 -16.77
C ASN F 155 -40.58 5.87 -17.15
N ARG F 156 -39.71 4.92 -16.80
CA ARG F 156 -38.32 4.97 -17.21
C ARG F 156 -38.18 4.54 -18.66
N ASN F 157 -37.05 4.92 -19.26
CA ASN F 157 -36.75 4.56 -20.64
C ASN F 157 -35.28 4.19 -20.77
N VAL F 158 -34.99 3.44 -21.82
CA VAL F 158 -33.62 3.13 -22.22
C VAL F 158 -33.34 3.86 -23.51
N LYS F 159 -32.15 4.43 -23.60
CA LYS F 159 -31.67 5.18 -24.76
C LYS F 159 -30.48 4.42 -25.34
N LEU F 160 -30.67 3.87 -26.53
CA LEU F 160 -29.62 3.21 -27.28
C LEU F 160 -29.16 4.14 -28.40
N THR F 161 -27.87 4.47 -28.41
CA THR F 161 -27.28 5.36 -29.40
C THR F 161 -26.22 4.61 -30.18
N VAL F 162 -26.37 4.55 -31.50
CA VAL F 162 -25.44 3.85 -32.36
C VAL F 162 -24.78 4.89 -33.25
N ASN F 163 -23.47 5.11 -33.04
CA ASN F 163 -22.70 6.06 -33.84
C ASN F 163 -21.64 5.33 -34.65
N LEU G 4 6.34 25.20 48.22
CA LEU G 4 6.44 23.75 48.08
C LEU G 4 5.06 23.12 47.93
N PRO G 5 4.94 22.16 47.02
CA PRO G 5 3.66 21.47 46.85
C PRO G 5 3.26 20.72 48.10
N SER G 6 1.95 20.60 48.30
CA SER G 6 1.39 19.92 49.45
C SER G 6 0.75 18.61 49.02
N LEU G 7 0.85 17.60 49.87
CA LEU G 7 0.45 16.24 49.52
C LEU G 7 -0.64 15.75 50.45
N CYS G 8 -1.60 15.00 49.90
CA CYS G 8 -2.56 14.28 50.73
C CYS G 8 -2.86 12.94 50.06
N MET G 9 -2.93 11.88 50.86
CA MET G 9 -3.35 10.58 50.33
C MET G 9 -4.76 10.28 50.82
N LEU G 10 -5.68 10.08 49.88
CA LEU G 10 -7.05 9.75 50.20
C LEU G 10 -7.14 8.32 50.75
N ASN G 11 -6.78 7.34 49.93
CA ASN G 11 -6.72 5.95 50.32
C ASN G 11 -5.51 5.32 49.64
N ASN G 12 -5.45 3.98 49.63
CA ASN G 12 -4.31 3.30 49.03
C ASN G 12 -4.20 3.55 47.53
N SER G 13 -5.30 3.92 46.87
CA SER G 13 -5.35 4.06 45.42
C SER G 13 -5.08 5.49 44.95
N PHE G 14 -5.63 6.49 45.62
CA PHE G 14 -5.65 7.87 45.12
C PHE G 14 -4.85 8.77 46.05
N TYR G 15 -3.84 9.43 45.49
CA TYR G 15 -3.06 10.44 46.19
C TYR G 15 -3.15 11.74 45.39
N TYR G 16 -2.77 12.85 46.01
CA TYR G 16 -2.96 14.14 45.37
C TYR G 16 -1.83 15.08 45.74
N MET G 17 -1.36 15.82 44.74
CA MET G 17 -0.35 16.87 44.88
C MET G 17 -0.96 18.21 44.54
N ARG G 18 -0.56 19.25 45.29
CA ARG G 18 -1.01 20.62 45.06
C ARG G 18 0.21 21.50 44.87
N GLY G 19 0.42 21.96 43.65
CA GLY G 19 1.53 22.84 43.34
C GLY G 19 1.05 24.14 42.76
N GLY G 20 1.31 25.23 43.48
CA GLY G 20 0.83 26.53 43.04
C GLY G 20 -0.69 26.54 42.96
N VAL G 21 -1.21 26.92 41.79
CA VAL G 21 -2.65 26.95 41.58
C VAL G 21 -3.19 25.62 41.06
N ASN G 22 -2.32 24.66 40.78
CA ASN G 22 -2.73 23.43 40.10
C ASN G 22 -2.72 22.24 41.06
N THR G 23 -3.56 21.25 40.76
CA THR G 23 -3.69 20.04 41.56
C THR G 23 -3.58 18.82 40.64
N PHE G 24 -2.76 17.84 41.01
CA PHE G 24 -2.47 16.68 40.18
C PHE G 24 -2.85 15.39 40.92
N LEU G 25 -3.57 14.52 40.23
CA LEU G 25 -3.88 13.18 40.69
C LEU G 25 -2.69 12.23 40.53
N ILE G 26 -2.47 11.39 41.54
CA ILE G 26 -1.36 10.43 41.56
C ILE G 26 -1.93 9.06 41.92
N ARG G 27 -1.63 8.05 41.10
CA ARG G 27 -2.11 6.70 41.32
C ARG G 27 -0.96 5.71 41.17
N VAL G 28 -1.10 4.53 41.78
CA VAL G 28 -0.14 3.45 41.62
C VAL G 28 -0.90 2.16 41.37
N SER G 29 -0.73 1.58 40.18
CA SER G 29 -1.48 0.38 39.81
C SER G 29 -0.78 -0.28 38.63
N ASP G 30 -1.31 -1.43 38.21
CA ASP G 30 -0.65 -2.27 37.21
C ASP G 30 -1.16 -2.02 35.79
N ILE G 31 -1.64 -0.81 35.50
CA ILE G 31 -2.15 -0.49 34.17
C ILE G 31 -1.29 0.60 33.54
N SER G 32 -0.97 0.42 32.26
CA SER G 32 -0.30 1.43 31.45
C SER G 32 -1.16 1.75 30.24
N VAL G 33 -1.28 3.02 29.91
CA VAL G 33 -1.95 3.48 28.70
C VAL G 33 -0.99 4.27 27.80
N LEU G 34 0.32 4.17 28.04
CA LEU G 34 1.31 4.82 27.22
C LEU G 34 2.33 3.79 26.71
N MET G 35 2.90 4.07 25.55
CA MET G 35 3.94 3.21 24.99
C MET G 35 5.11 4.05 24.53
N LYS G 36 6.31 3.48 24.67
CA LYS G 36 7.54 4.15 24.25
C LYS G 36 7.52 4.46 22.75
N GLU G 37 6.91 3.60 21.94
CA GLU G 37 6.92 3.79 20.50
C GLU G 37 6.06 4.98 20.06
N TYR G 38 5.06 5.36 20.87
CA TYR G 38 4.09 6.36 20.47
C TYR G 38 4.11 7.64 21.30
N ASP G 39 4.64 7.59 22.51
CA ASP G 39 4.48 8.67 23.48
C ASP G 39 5.84 9.29 23.81
N VAL G 40 5.81 10.34 24.61
CA VAL G 40 6.98 11.18 24.84
C VAL G 40 7.83 10.57 25.94
N SER G 41 9.13 10.44 25.68
CA SER G 41 10.10 9.96 26.66
C SER G 41 10.79 11.16 27.29
N ILE G 42 10.92 11.16 28.61
CA ILE G 42 11.48 12.28 29.35
C ILE G 42 12.91 11.92 29.73
N TYR G 43 13.86 12.38 28.94
CA TYR G 43 15.26 12.09 29.17
C TYR G 43 15.90 13.08 30.14
N GLU G 44 15.40 14.31 30.15
CA GLU G 44 15.90 15.39 30.97
C GLU G 44 14.70 16.21 31.41
N PRO G 45 14.81 16.92 32.53
CA PRO G 45 13.61 17.61 33.08
C PRO G 45 12.93 18.55 32.12
N GLU G 46 13.67 19.21 31.23
CA GLU G 46 13.01 20.12 30.31
C GLU G 46 11.91 19.47 29.49
N ASP G 47 12.10 18.21 29.07
CA ASP G 47 11.08 17.56 28.24
C ASP G 47 9.71 17.51 28.94
N LEU G 48 9.66 17.66 30.28
CA LEU G 48 8.38 17.72 30.98
C LEU G 48 7.47 18.84 30.47
N GLY G 49 8.05 19.86 29.84
CA GLY G 49 7.28 20.93 29.22
C GLY G 49 6.56 20.51 27.96
N ASN G 50 6.52 19.21 27.70
CA ASN G 50 5.75 18.63 26.61
C ASN G 50 4.60 17.78 27.11
N CYS G 51 4.40 17.73 28.43
CA CYS G 51 3.50 16.76 29.03
C CYS G 51 2.24 17.38 29.60
N LEU G 52 2.21 18.69 29.82
CA LEU G 52 1.14 19.34 30.57
C LEU G 52 0.45 20.41 29.72
N ASN G 53 -0.80 20.72 30.09
CA ASN G 53 -1.58 21.69 29.34
C ASN G 53 -0.91 23.06 29.36
N LYS G 54 -0.50 23.52 30.54
CA LYS G 54 0.27 24.74 30.69
C LYS G 54 1.71 24.39 31.05
N SER G 55 2.66 25.13 30.47
CA SER G 55 4.06 24.76 30.59
C SER G 55 4.60 25.02 32.00
N ASP G 56 4.28 26.19 32.57
CA ASP G 56 4.84 26.57 33.86
C ASP G 56 4.60 25.51 34.93
N SER G 57 3.36 25.00 35.00
CA SER G 57 2.98 24.02 36.02
C SER G 57 3.91 22.80 36.04
N SER G 58 4.68 22.58 34.97
CA SER G 58 5.63 21.48 34.95
C SER G 58 6.56 21.50 36.16
N TRP G 59 6.82 22.70 36.72
CA TRP G 59 7.69 22.77 37.90
C TRP G 59 7.20 21.83 39.00
N ALA G 60 5.88 21.79 39.22
CA ALA G 60 5.33 20.93 40.27
C ALA G 60 5.71 19.48 40.05
N ILE G 61 5.66 19.02 38.80
CA ILE G 61 6.11 17.65 38.49
C ILE G 61 7.59 17.49 38.81
N HIS G 62 8.41 18.46 38.38
CA HIS G 62 9.86 18.38 38.55
C HIS G 62 10.22 17.99 39.97
N TRP G 63 9.83 18.84 40.93
CA TRP G 63 10.10 18.56 42.34
C TRP G 63 9.66 17.16 42.71
N PHE G 64 8.41 16.81 42.37
CA PHE G 64 7.87 15.52 42.76
C PHE G 64 8.75 14.39 42.24
N SER G 65 9.21 14.51 40.99
CA SER G 65 10.11 13.51 40.43
C SER G 65 11.34 13.36 41.32
N ASN G 66 12.02 14.48 41.61
CA ASN G 66 13.20 14.44 42.46
C ASN G 66 12.85 13.94 43.86
N ALA G 67 11.60 14.15 44.30
CA ALA G 67 11.20 13.66 45.60
C ALA G 67 11.12 12.14 45.62
N LEU G 68 10.79 11.52 44.49
CA LEU G 68 10.70 10.06 44.44
C LEU G 68 12.05 9.38 44.36
N GLY G 69 13.10 10.10 43.96
CA GLY G 69 14.41 9.50 43.77
C GLY G 69 14.82 9.28 42.32
N HIS G 70 14.06 9.83 41.37
CA HIS G 70 14.36 9.61 39.96
C HIS G 70 15.72 10.17 39.58
N ASP G 71 16.51 9.34 38.91
CA ASP G 71 17.83 9.73 38.39
C ASP G 71 17.66 10.20 36.94
N TRP G 72 17.86 11.50 36.72
CA TRP G 72 17.77 12.04 35.36
C TRP G 72 18.96 11.65 34.48
N LEU G 73 19.90 10.84 34.98
CA LEU G 73 21.12 10.48 34.26
C LEU G 73 21.15 9.03 33.84
N MET G 74 20.88 8.11 34.76
CA MET G 74 20.98 6.69 34.48
C MET G 74 19.63 5.98 34.41
N ASP G 75 18.63 6.45 35.13
CA ASP G 75 17.40 5.69 35.23
C ASP G 75 16.60 5.74 33.93
N PRO G 76 15.74 4.76 33.70
CA PRO G 76 14.92 4.76 32.49
C PRO G 76 14.06 5.99 32.42
N PRO G 77 13.89 6.56 31.23
CA PRO G 77 13.03 7.74 31.09
C PRO G 77 11.57 7.41 31.40
N MET G 78 10.90 8.30 32.12
CA MET G 78 9.48 8.15 32.29
C MET G 78 8.75 8.58 31.02
N LEU G 79 7.53 8.08 30.86
CA LEU G 79 6.73 8.34 29.69
C LEU G 79 5.62 9.34 30.03
N CYS G 80 5.26 10.16 29.04
CA CYS G 80 4.10 11.03 29.21
C CYS G 80 3.41 11.21 27.87
N ARG G 81 2.15 11.61 27.93
CA ARG G 81 1.38 11.92 26.74
C ARG G 81 1.64 13.35 26.31
N ASN G 82 1.77 13.56 25.00
CA ASN G 82 2.03 14.90 24.49
C ASN G 82 0.84 15.80 24.80
N LYS G 83 1.14 17.06 25.11
CA LYS G 83 0.07 18.01 25.40
C LYS G 83 -0.87 18.16 24.21
N THR G 84 -0.32 18.10 22.99
CA THR G 84 -1.14 18.29 21.80
C THR G 84 -2.24 17.25 21.69
N LYS G 85 -1.99 16.04 22.19
CA LYS G 85 -3.04 15.02 22.20
C LYS G 85 -4.18 15.45 23.11
N LYS G 86 -5.40 15.08 22.71
CA LYS G 86 -6.63 15.53 23.35
C LYS G 86 -7.12 14.62 24.47
N GLU G 87 -6.35 13.59 24.84
CA GLU G 87 -6.74 12.76 25.97
C GLU G 87 -6.44 13.42 27.31
N GLY G 88 -5.39 14.23 27.37
CA GLY G 88 -5.01 14.88 28.60
C GLY G 88 -3.51 14.78 28.83
N SER G 89 -3.11 14.56 30.08
CA SER G 89 -1.72 14.35 30.44
C SER G 89 -1.63 13.11 31.30
N ASN G 90 -0.75 12.18 30.95
CA ASN G 90 -0.57 10.96 31.73
C ASN G 90 0.92 10.67 31.82
N ILE G 91 1.46 10.68 33.04
CA ILE G 91 2.88 10.44 33.27
C ILE G 91 3.05 9.10 33.98
N GLN G 92 3.84 8.22 33.36
CA GLN G 92 3.95 6.83 33.79
C GLN G 92 5.38 6.61 34.30
N PHE G 93 5.51 6.10 35.51
CA PHE G 93 6.79 5.64 36.02
C PHE G 93 6.71 4.11 36.10
N ASN G 94 7.54 3.39 35.37
CA ASN G 94 7.45 1.94 35.45
C ASN G 94 8.24 1.40 36.63
N ILE G 95 7.52 0.79 37.55
CA ILE G 95 8.10 0.24 38.78
C ILE G 95 7.96 -1.27 38.99
N SER G 96 7.63 -2.02 37.94
CA SER G 96 7.39 -3.44 38.07
C SER G 96 8.55 -4.20 38.71
N LYS G 97 8.21 -5.13 39.59
CA LYS G 97 9.22 -5.91 40.31
C LYS G 97 9.69 -7.13 39.55
N ALA G 98 10.24 -6.94 38.35
CA ALA G 98 10.69 -8.07 37.55
C ALA G 98 11.72 -7.69 36.51
N ASP G 99 12.36 -8.70 35.93
CA ASP G 99 13.32 -8.51 34.85
C ASP G 99 14.41 -7.52 35.20
N ASP G 100 14.57 -6.54 34.32
CA ASP G 100 15.57 -5.49 34.45
C ASP G 100 14.99 -4.28 35.18
N ALA G 101 13.67 -4.23 35.41
CA ALA G 101 13.05 -3.03 35.96
C ALA G 101 12.91 -3.03 37.46
N ARG G 102 13.26 -4.12 38.15
CA ARG G 102 12.98 -4.18 39.59
C ARG G 102 13.72 -3.10 40.40
N VAL G 103 15.05 -3.12 40.34
CA VAL G 103 15.87 -2.25 41.19
C VAL G 103 15.40 -0.80 41.10
N TYR G 104 15.35 -0.24 39.90
CA TYR G 104 14.84 1.12 39.75
C TYR G 104 13.50 1.28 40.45
N GLY G 105 12.59 0.35 40.22
CA GLY G 105 11.27 0.46 40.80
C GLY G 105 11.26 0.55 42.31
N LYS G 106 12.16 -0.18 42.95
CA LYS G 106 12.21 -0.16 44.40
C LYS G 106 12.47 1.24 44.93
N LYS G 107 13.38 1.98 44.31
CA LYS G 107 13.72 3.32 44.75
C LYS G 107 12.49 4.22 44.67
N ILE G 108 11.76 4.12 43.57
CA ILE G 108 10.59 4.95 43.39
C ILE G 108 9.54 4.62 44.45
N ARG G 109 9.37 3.34 44.72
CA ARG G 109 8.40 2.94 45.74
C ARG G 109 8.79 3.49 47.12
N ASN G 110 10.09 3.45 47.41
CA ASN G 110 10.61 3.98 48.66
C ASN G 110 10.34 5.47 48.79
N GLY G 111 10.46 6.21 47.70
CA GLY G 111 10.21 7.65 47.80
C GLY G 111 8.79 7.93 48.26
N MET G 112 7.82 7.23 47.70
CA MET G 112 6.42 7.35 48.09
C MET G 112 6.26 7.23 49.60
N ARG G 113 6.99 6.28 50.21
CA ARG G 113 6.84 6.06 51.65
C ARG G 113 7.28 7.27 52.45
N HIS G 114 8.19 8.08 51.90
CA HIS G 114 8.62 9.28 52.58
C HIS G 114 7.69 10.47 52.31
N LEU G 115 6.94 10.44 51.22
CA LEU G 115 6.09 11.57 50.87
C LEU G 115 4.68 11.42 51.41
N PHE G 116 4.18 10.20 51.50
CA PHE G 116 2.82 9.90 51.93
C PHE G 116 2.88 8.95 53.12
N ARG G 117 2.65 9.48 54.32
CA ARG G 117 2.58 8.63 55.51
C ARG G 117 1.50 7.59 55.33
N GLY G 118 1.88 6.32 55.49
CA GLY G 118 0.96 5.24 55.23
C GLY G 118 0.89 4.76 53.81
N PHE G 119 1.96 4.90 53.03
CA PHE G 119 1.93 4.42 51.66
C PHE G 119 1.75 2.91 51.61
N HIS G 120 0.85 2.46 50.74
CA HIS G 120 0.58 1.05 50.51
C HIS G 120 1.17 0.63 49.19
N ASP G 121 1.90 -0.48 49.19
CA ASP G 121 2.51 -1.02 47.98
C ASP G 121 1.55 -2.00 47.33
N PRO G 122 0.87 -1.64 46.22
CA PRO G 122 -0.05 -2.58 45.57
C PRO G 122 0.60 -3.47 44.53
N CYS G 123 1.83 -3.16 44.15
CA CYS G 123 2.53 -3.91 43.11
C CYS G 123 2.75 -5.34 43.56
N GLU G 124 2.50 -6.29 42.67
CA GLU G 124 2.74 -7.70 42.96
C GLU G 124 4.05 -8.17 42.32
N GLU G 125 4.70 -9.14 42.97
CA GLU G 125 6.01 -9.59 42.54
C GLU G 125 5.89 -10.39 41.25
N GLY G 126 6.79 -10.13 40.31
CA GLY G 126 6.76 -10.79 39.02
C GLY G 126 5.77 -10.21 38.04
N LYS G 127 4.90 -9.30 38.48
CA LYS G 127 3.92 -8.67 37.62
C LYS G 127 4.32 -7.23 37.33
N VAL G 128 3.56 -6.60 36.48
CA VAL G 128 3.86 -5.27 35.99
C VAL G 128 3.21 -4.25 36.91
N CYS G 129 3.86 -3.09 37.09
CA CYS G 129 3.32 -2.07 37.98
C CYS G 129 3.81 -0.69 37.54
N TYR G 130 2.98 0.32 37.78
CA TYR G 130 3.20 1.66 37.25
C TYR G 130 2.72 2.72 38.25
N LEU G 131 3.30 3.92 38.12
CA LEU G 131 2.84 5.11 38.81
C LEU G 131 2.34 6.13 37.79
N THR G 132 1.12 6.61 37.97
CA THR G 132 0.45 7.44 36.98
C THR G 132 0.10 8.81 37.56
N ILE G 133 0.37 9.86 36.79
CA ILE G 133 0.05 11.23 37.18
C ILE G 133 -0.85 11.86 36.11
N ASN G 134 -1.96 12.43 36.56
CA ASN G 134 -2.93 13.11 35.69
C ASN G 134 -3.24 14.50 36.25
N GLN G 135 -3.06 15.53 35.43
CA GLN G 135 -3.44 16.87 35.87
C GLN G 135 -4.96 16.99 35.99
N CYS G 136 -5.43 17.57 37.10
CA CYS G 136 -6.86 17.75 37.29
C CYS G 136 -7.42 18.75 36.29
N GLY G 137 -8.62 18.46 35.78
CA GLY G 137 -9.25 19.23 34.73
C GLY G 137 -9.11 18.61 33.35
N ASP G 138 -7.98 17.95 33.08
CA ASP G 138 -7.81 17.24 31.82
C ASP G 138 -8.74 16.04 31.77
N PRO G 139 -9.12 15.58 30.58
CA PRO G 139 -9.98 14.40 30.48
C PRO G 139 -9.38 13.14 31.11
N SER G 140 -8.07 13.07 31.29
CA SER G 140 -7.46 11.86 31.84
C SER G 140 -7.63 11.72 33.35
N SER G 141 -7.98 12.80 34.04
CA SER G 141 -8.26 12.73 35.47
C SER G 141 -9.73 12.47 35.78
N PHE G 142 -10.58 12.44 34.75
CA PHE G 142 -12.02 12.24 34.88
C PHE G 142 -12.63 13.17 35.92
N ASP G 143 -13.52 12.64 36.75
CA ASP G 143 -14.10 13.39 37.86
C ASP G 143 -13.48 13.04 39.20
N TYR G 144 -12.23 12.57 39.20
CA TYR G 144 -11.55 12.24 40.44
C TYR G 144 -11.02 13.47 41.16
N CYS G 145 -11.19 14.66 40.58
CA CYS G 145 -10.75 15.91 41.19
C CYS G 145 -11.94 16.79 41.59
N GLY G 146 -13.12 16.20 41.75
CA GLY G 146 -14.30 16.93 42.17
C GLY G 146 -14.30 17.17 43.67
N VAL G 147 -15.48 17.52 44.18
CA VAL G 147 -15.59 17.81 45.61
C VAL G 147 -15.63 16.52 46.42
N ASN G 148 -16.31 15.48 45.91
CA ASN G 148 -16.47 14.22 46.63
C ASN G 148 -15.16 13.52 46.93
N HIS G 149 -14.05 13.91 46.28
CA HIS G 149 -12.75 13.33 46.53
C HIS G 149 -11.82 14.28 47.27
N LEU G 150 -11.53 15.45 46.70
CA LEU G 150 -10.61 16.41 47.32
C LEU G 150 -11.15 17.01 48.61
N SER G 151 -12.46 16.93 48.85
CA SER G 151 -13.00 17.50 50.08
C SER G 151 -12.49 16.75 51.31
N LYS G 152 -12.57 15.42 51.30
CA LYS G 152 -12.28 14.60 52.47
C LYS G 152 -10.81 14.23 52.63
N CYS G 153 -9.86 14.94 52.04
CA CYS G 153 -8.45 14.73 52.36
C CYS G 153 -7.92 15.97 53.05
N GLN G 154 -7.10 15.77 54.07
CA GLN G 154 -6.52 16.86 54.85
C GLN G 154 -5.12 17.15 54.30
N PHE G 155 -4.99 18.27 53.60
CA PHE G 155 -3.70 18.65 53.03
C PHE G 155 -2.72 19.01 54.13
N ASP G 156 -1.56 18.36 54.12
CA ASP G 156 -0.46 18.63 55.03
C ASP G 156 0.67 19.28 54.25
N HIS G 157 1.82 19.47 54.91
CA HIS G 157 3.02 20.03 54.29
C HIS G 157 2.76 21.44 53.76
N PRO H 9 -17.55 13.46 24.01
CA PRO H 9 -16.90 12.64 22.98
C PRO H 9 -16.64 11.19 23.42
N ASN H 10 -16.49 10.33 22.42
CA ASN H 10 -16.31 8.89 22.63
C ASN H 10 -14.98 8.55 23.28
N SER H 11 -14.96 7.51 24.12
CA SER H 11 -13.75 7.21 24.86
C SER H 11 -13.58 5.71 25.07
N VAL H 12 -12.31 5.27 25.08
CA VAL H 12 -11.92 3.93 25.48
C VAL H 12 -10.98 4.07 26.67
N THR H 13 -11.34 3.42 27.79
CA THR H 13 -10.54 3.46 29.02
C THR H 13 -10.34 2.05 29.56
N ILE H 14 -9.33 1.89 30.41
CA ILE H 14 -9.07 0.62 31.09
C ILE H 14 -9.25 0.81 32.58
N THR H 15 -9.83 -0.21 33.23
CA THR H 15 -9.99 -0.26 34.68
C THR H 15 -9.36 -1.54 35.19
N ASN H 16 -8.68 -1.46 36.34
CA ASN H 16 -8.22 -2.66 37.03
C ASN H 16 -9.29 -3.09 38.05
N ALA H 17 -8.91 -3.90 39.02
CA ALA H 17 -9.81 -4.33 40.08
C ALA H 17 -9.97 -3.16 41.08
N SER H 18 -10.81 -2.20 40.68
CA SER H 18 -11.22 -1.04 41.48
C SER H 18 -10.10 -0.05 41.78
N GLY H 19 -8.90 -0.23 41.23
CA GLY H 19 -7.84 0.73 41.46
C GLY H 19 -8.01 2.05 40.73
N GLY H 20 -8.89 2.11 39.73
CA GLY H 20 -9.17 3.36 39.06
C GLY H 20 -9.45 3.15 37.59
N LEU H 21 -9.77 4.25 36.92
CA LEU H 21 -10.03 4.28 35.49
C LEU H 21 -8.94 5.09 34.80
N TYR H 22 -8.36 4.52 33.75
CA TYR H 22 -7.29 5.19 32.99
C TYR H 22 -7.72 5.38 31.55
N LEU H 23 -7.65 6.62 31.06
CA LEU H 23 -8.10 6.95 29.70
C LEU H 23 -7.09 6.47 28.69
N VAL H 24 -7.52 5.58 27.78
CA VAL H 24 -6.67 5.08 26.72
C VAL H 24 -6.73 5.99 25.51
N GLU H 25 -7.92 6.19 24.95
CA GLU H 25 -7.96 6.99 23.74
C GLU H 25 -9.32 7.63 23.52
N TYR H 26 -9.30 8.81 22.90
CA TYR H 26 -10.42 9.41 22.21
C TYR H 26 -10.30 9.08 20.74
N PRO H 27 -11.15 8.22 20.18
CA PRO H 27 -10.93 7.80 18.79
C PRO H 27 -11.15 8.95 17.80
N GLU H 28 -10.06 9.28 17.09
CA GLU H 28 -10.01 10.20 15.95
C GLU H 28 -11.14 9.93 14.98
N GLY H 29 -11.13 8.71 14.47
CA GLY H 29 -12.08 8.31 13.46
C GLY H 29 -13.47 8.43 14.00
N TYR H 30 -14.34 8.97 13.16
CA TYR H 30 -15.73 9.15 13.51
C TYR H 30 -16.37 7.82 13.75
N VAL H 31 -17.20 7.75 14.78
CA VAL H 31 -17.91 6.54 15.07
C VAL H 31 -19.41 6.84 14.96
N ALA H 32 -20.13 6.06 14.17
CA ALA H 32 -21.57 6.26 14.06
C ALA H 32 -22.17 5.75 15.35
N TYR H 33 -23.23 6.38 15.86
CA TYR H 33 -23.82 5.89 17.09
C TYR H 33 -25.25 5.38 16.92
N SER H 34 -25.46 4.09 17.15
CA SER H 34 -26.82 3.56 17.04
C SER H 34 -27.64 4.24 18.13
N LYS H 35 -27.04 4.32 19.31
CA LYS H 35 -27.61 4.96 20.48
C LYS H 35 -26.47 5.29 21.44
N ALA H 36 -26.70 6.26 22.33
CA ALA H 36 -25.66 6.59 23.31
C ALA H 36 -25.54 5.41 24.25
N THR H 37 -24.32 5.05 24.66
CA THR H 37 -24.18 3.90 25.53
C THR H 37 -22.83 3.93 26.24
N GLU H 38 -22.77 3.25 27.38
CA GLU H 38 -21.58 3.08 28.19
C GLU H 38 -21.48 1.61 28.56
N VAL H 39 -20.50 0.90 28.00
CA VAL H 39 -20.32 -0.53 28.25
C VAL H 39 -18.99 -0.74 28.95
N THR H 40 -18.94 -1.76 29.81
CA THR H 40 -17.74 -2.07 30.57
C THR H 40 -17.64 -3.58 30.76
N GLY H 41 -16.49 -4.14 30.45
CA GLY H 41 -16.31 -5.57 30.67
C GLY H 41 -14.99 -6.09 30.16
N LYS H 42 -14.83 -7.40 30.29
CA LYS H 42 -13.64 -8.10 29.80
C LYS H 42 -13.43 -7.85 28.31
N LEU H 43 -12.18 -7.60 27.93
CA LEU H 43 -11.80 -7.42 26.53
C LEU H 43 -11.22 -8.71 25.97
N VAL H 44 -11.63 -9.04 24.74
CA VAL H 44 -11.35 -10.33 24.13
C VAL H 44 -11.12 -10.12 22.64
N HIS H 45 -10.10 -10.77 22.09
CA HIS H 45 -9.78 -10.64 20.67
C HIS H 45 -10.56 -11.70 19.89
N ALA H 46 -11.05 -11.32 18.70
CA ALA H 46 -11.82 -12.24 17.88
C ALA H 46 -11.31 -12.25 16.44
N ASN H 47 -10.00 -12.04 16.25
CA ASN H 47 -9.36 -12.05 14.93
C ASN H 47 -10.07 -11.06 14.01
N PHE H 48 -10.60 -11.54 12.89
CA PHE H 48 -11.35 -10.69 11.97
C PHE H 48 -12.82 -10.59 12.34
N GLY H 49 -13.27 -11.29 13.38
CA GLY H 49 -14.66 -11.25 13.74
C GLY H 49 -15.58 -11.99 12.79
N THR H 50 -15.03 -12.88 11.97
CA THR H 50 -15.88 -13.69 11.12
C THR H 50 -16.58 -14.76 11.95
N LYS H 51 -17.57 -15.41 11.33
CA LYS H 51 -18.30 -16.47 12.02
C LYS H 51 -17.35 -17.57 12.48
N LYS H 52 -16.46 -18.02 11.59
CA LYS H 52 -15.53 -19.08 11.93
C LYS H 52 -14.51 -18.63 12.99
N ASP H 53 -14.11 -17.35 12.95
CA ASP H 53 -13.21 -16.83 13.98
C ASP H 53 -13.82 -16.99 15.37
N PHE H 54 -15.09 -16.61 15.51
CA PHE H 54 -15.79 -16.82 16.78
C PHE H 54 -15.95 -18.31 17.09
N GLU H 55 -16.18 -19.12 16.06
CA GLU H 55 -16.35 -20.56 16.28
C GLU H 55 -15.11 -21.17 16.94
N ASP H 56 -13.92 -20.82 16.45
CA ASP H 56 -12.68 -21.44 16.89
C ASP H 56 -12.14 -20.90 18.21
N LEU H 57 -12.74 -19.86 18.77
CA LEU H 57 -12.24 -19.32 20.02
C LEU H 57 -12.44 -20.30 21.16
N ASP H 58 -11.46 -20.38 22.05
CA ASP H 58 -11.48 -21.28 23.20
C ASP H 58 -11.82 -20.56 24.50
N TYR H 59 -12.72 -19.59 24.45
CA TYR H 59 -12.96 -18.73 25.60
C TYR H 59 -14.18 -17.86 25.33
N ALA H 60 -14.87 -17.50 26.42
CA ALA H 60 -16.23 -17.00 26.33
C ALA H 60 -16.28 -15.61 25.71
N VAL H 61 -17.31 -15.39 24.90
CA VAL H 61 -17.53 -14.12 24.21
C VAL H 61 -18.64 -13.34 24.88
N ASN H 62 -19.60 -14.06 25.48
CA ASN H 62 -20.75 -13.42 26.09
C ASN H 62 -20.31 -12.47 27.21
N GLY H 63 -21.01 -11.34 27.32
CA GLY H 63 -20.70 -10.38 28.35
C GLY H 63 -19.35 -9.72 28.24
N SER H 64 -18.69 -9.81 27.08
CA SER H 64 -17.38 -9.23 26.89
C SER H 64 -17.39 -8.34 25.67
N ILE H 65 -16.48 -7.37 25.67
CA ILE H 65 -16.21 -6.53 24.51
C ILE H 65 -15.17 -7.23 23.64
N VAL H 66 -15.39 -7.27 22.34
CA VAL H 66 -14.48 -7.89 21.39
C VAL H 66 -13.71 -6.82 20.63
N ILE H 67 -12.42 -7.05 20.45
CA ILE H 67 -11.57 -6.27 19.57
C ILE H 67 -11.23 -7.13 18.36
N VAL H 68 -11.42 -6.59 17.18
CA VAL H 68 -11.26 -7.36 15.94
C VAL H 68 -10.47 -6.52 14.94
N ARG H 69 -9.87 -7.22 13.98
CA ARG H 69 -9.15 -6.59 12.90
C ARG H 69 -10.08 -6.30 11.73
N ALA H 70 -9.88 -5.15 11.09
CA ALA H 70 -10.51 -4.90 9.80
C ALA H 70 -9.88 -5.78 8.73
N GLY H 71 -10.68 -6.19 7.76
CA GLY H 71 -10.08 -6.91 6.65
C GLY H 71 -10.97 -7.75 5.76
N LYS H 72 -11.32 -8.96 6.19
CA LYS H 72 -11.93 -9.90 5.25
C LYS H 72 -13.41 -9.62 5.05
N ILE H 73 -14.10 -9.11 6.08
CA ILE H 73 -15.53 -8.88 6.01
C ILE H 73 -15.80 -7.43 6.41
N THR H 74 -17.00 -6.97 6.07
CA THR H 74 -17.42 -5.62 6.45
C THR H 74 -17.68 -5.57 7.95
N ILE H 75 -17.50 -4.38 8.53
CA ILE H 75 -17.60 -4.24 9.98
C ILE H 75 -19.02 -4.54 10.48
N ALA H 76 -20.04 -4.25 9.67
CA ALA H 76 -21.40 -4.61 10.05
C ALA H 76 -21.53 -6.11 10.25
N GLU H 77 -20.92 -6.90 9.37
CA GLU H 77 -20.92 -8.35 9.51
C GLU H 77 -20.19 -8.76 10.78
N LYS H 78 -19.10 -8.05 11.10
CA LYS H 78 -18.36 -8.31 12.34
C LYS H 78 -19.25 -8.14 13.56
N VAL H 79 -19.98 -7.02 13.63
CA VAL H 79 -20.78 -6.74 14.82
C VAL H 79 -22.00 -7.64 14.87
N ALA H 80 -22.54 -8.03 13.71
CA ALA H 80 -23.62 -9.00 13.69
C ALA H 80 -23.16 -10.33 14.26
N ASN H 81 -21.95 -10.77 13.90
CA ASN H 81 -21.43 -12.00 14.47
C ASN H 81 -21.19 -11.86 15.98
N ALA H 82 -20.62 -10.73 16.39
CA ALA H 82 -20.38 -10.48 17.81
C ALA H 82 -21.67 -10.58 18.62
N GLN H 83 -22.73 -9.92 18.17
CA GLN H 83 -24.01 -10.05 18.86
C GLN H 83 -24.56 -11.47 18.77
N SER H 84 -24.34 -12.13 17.64
CA SER H 84 -24.74 -13.53 17.50
C SER H 84 -24.15 -14.38 18.61
N PHE H 85 -22.92 -14.05 19.03
CA PHE H 85 -22.31 -14.72 20.18
C PHE H 85 -22.43 -13.89 21.46
N ASN H 86 -23.39 -12.96 21.51
CA ASN H 86 -23.79 -12.23 22.73
C ASN H 86 -22.65 -11.37 23.28
N ALA H 87 -21.91 -10.72 22.38
CA ALA H 87 -20.96 -9.71 22.81
C ALA H 87 -21.68 -8.40 23.12
N ILE H 88 -21.06 -7.60 23.98
CA ILE H 88 -21.66 -6.33 24.40
C ILE H 88 -21.08 -5.11 23.69
N GLY H 89 -19.98 -5.28 22.96
CA GLY H 89 -19.39 -4.18 22.22
C GLY H 89 -18.27 -4.66 21.34
N VAL H 90 -17.92 -3.84 20.35
CA VAL H 90 -16.93 -4.21 19.35
C VAL H 90 -15.96 -3.07 19.16
N LEU H 91 -14.66 -3.38 19.23
CA LEU H 91 -13.60 -2.44 18.88
C LEU H 91 -12.92 -2.95 17.63
N ILE H 92 -12.70 -2.06 16.66
CA ILE H 92 -12.04 -2.40 15.41
C ILE H 92 -10.78 -1.56 15.29
N TYR H 93 -9.64 -2.22 15.06
CA TYR H 93 -8.38 -1.56 14.78
C TYR H 93 -7.84 -2.06 13.45
N LYS H 94 -6.96 -1.26 12.86
CA LYS H 94 -6.48 -1.51 11.51
C LYS H 94 -5.10 -2.17 11.59
N ASP H 95 -4.99 -3.35 10.99
CA ASP H 95 -3.78 -4.15 11.02
C ASP H 95 -2.75 -3.56 10.07
N ARG H 96 -1.52 -4.09 10.11
CA ARG H 96 -0.48 -3.61 9.21
C ARG H 96 -0.70 -4.08 7.78
N THR H 97 -1.13 -5.32 7.60
CA THR H 97 -1.52 -5.83 6.30
C THR H 97 -3.00 -5.59 6.08
N LYS H 98 -3.34 -4.99 4.94
CA LYS H 98 -4.73 -4.73 4.59
C LYS H 98 -5.28 -5.86 3.74
N TYR H 99 -6.31 -6.53 4.24
CA TYR H 99 -6.94 -7.68 3.63
C TYR H 99 -8.17 -7.23 2.88
N PRO H 100 -8.32 -7.59 1.60
CA PRO H 100 -9.47 -7.11 0.84
C PRO H 100 -10.78 -7.64 1.42
N ILE H 101 -11.81 -6.79 1.37
CA ILE H 101 -13.14 -7.16 1.83
C ILE H 101 -13.89 -7.82 0.69
N SER H 102 -14.51 -8.96 0.97
CA SER H 102 -15.42 -9.62 0.07
C SER H 102 -16.77 -9.70 0.76
N ARG H 103 -17.83 -9.42 0.03
CA ARG H 103 -19.15 -9.24 0.61
C ARG H 103 -20.08 -10.35 0.15
N ALA H 104 -20.55 -11.15 1.10
CA ALA H 104 -21.54 -12.15 0.77
C ALA H 104 -22.92 -11.44 0.83
N ASP H 105 -24.00 -12.12 0.45
CA ASP H 105 -25.29 -11.46 0.53
C ASP H 105 -25.50 -11.29 2.03
N GLU H 106 -25.89 -10.09 2.46
CA GLU H 106 -26.03 -9.86 3.89
C GLU H 106 -27.30 -9.16 4.38
N PRO H 107 -27.63 -9.40 5.65
CA PRO H 107 -28.73 -8.89 6.47
C PRO H 107 -28.45 -7.46 6.92
N LEU H 108 -29.48 -6.76 7.36
CA LEU H 108 -29.40 -5.38 7.84
C LEU H 108 -28.16 -5.04 8.67
N PRO H 115 -27.12 -2.00 13.99
CA PRO H 115 -26.19 -1.89 15.12
C PRO H 115 -26.89 -1.58 16.43
N SER H 116 -26.89 -2.52 17.39
CA SER H 116 -27.40 -2.28 18.72
C SER H 116 -26.32 -2.10 19.79
N ILE H 117 -25.20 -2.81 19.68
CA ILE H 117 -24.09 -2.73 20.64
C ILE H 117 -23.15 -1.62 20.17
N PRO H 118 -22.48 -0.91 21.07
CA PRO H 118 -21.58 0.16 20.62
C PRO H 118 -20.47 -0.41 19.75
N VAL H 119 -20.08 0.34 18.74
CA VAL H 119 -19.04 -0.09 17.82
C VAL H 119 -18.08 1.08 17.66
N GLN H 120 -16.85 0.88 18.09
CA GLN H 120 -15.86 1.94 18.11
C GLN H 120 -14.56 1.48 17.45
N THR H 121 -14.10 2.25 16.48
CA THR H 121 -12.78 2.04 15.89
C THR H 121 -11.74 2.88 16.63
N ILE H 122 -10.63 2.24 16.97
CA ILE H 122 -9.53 2.88 17.67
C ILE H 122 -8.30 2.77 16.79
N SER H 123 -7.37 3.68 16.99
CA SER H 123 -6.12 3.62 16.25
C SER H 123 -5.31 2.40 16.69
N ARG H 124 -4.43 1.93 15.79
CA ARG H 124 -3.56 0.81 16.14
C ARG H 124 -2.68 1.14 17.34
N GLU H 125 -2.40 2.43 17.55
CA GLU H 125 -1.77 2.87 18.80
C GLU H 125 -2.57 2.39 20.01
N ALA H 126 -3.86 2.71 20.04
CA ALA H 126 -4.68 2.32 21.18
C ALA H 126 -4.83 0.81 21.27
N ALA H 127 -4.91 0.13 20.12
CA ALA H 127 -5.00 -1.33 20.14
C ALA H 127 -3.78 -1.95 20.79
N GLU H 128 -2.59 -1.43 20.46
CA GLU H 128 -1.39 -1.98 21.09
C GLU H 128 -1.28 -1.57 22.54
N LYS H 129 -1.81 -0.39 22.90
CA LYS H 129 -1.87 0.00 24.31
C LYS H 129 -2.78 -0.94 25.11
N LEU H 130 -3.87 -1.40 24.50
CA LEU H 130 -4.72 -2.39 25.15
C LEU H 130 -4.02 -3.74 25.23
N PHE H 131 -3.36 -4.14 24.14
CA PHE H 131 -2.65 -5.42 24.11
C PHE H 131 -1.58 -5.47 25.17
N GLN H 132 -0.95 -4.32 25.45
CA GLN H 132 0.12 -4.25 26.44
C GLN H 132 -0.36 -4.67 27.82
N ASN H 133 -1.65 -4.55 28.09
CA ASN H 133 -2.27 -4.98 29.34
C ASN H 133 -2.94 -6.34 29.24
N MET H 134 -2.83 -7.02 28.11
CA MET H 134 -3.53 -8.28 27.90
C MET H 134 -2.53 -9.44 27.91
N GLU H 135 -3.06 -10.67 27.83
CA GLU H 135 -2.26 -11.87 27.97
C GLU H 135 -2.56 -12.86 26.85
N ARG H 136 -1.63 -13.81 26.67
CA ARG H 136 -1.68 -14.91 25.70
C ARG H 136 -1.42 -14.46 24.27
N ASP H 137 -0.41 -15.05 23.62
CA ASP H 137 -0.09 -14.68 22.25
C ASP H 137 -1.20 -15.10 21.29
N CYS H 138 -1.36 -14.33 20.25
CA CYS H 138 -2.30 -14.68 19.20
C CYS H 138 -1.72 -15.80 18.34
N PRO H 139 -2.57 -16.69 17.85
CA PRO H 139 -2.08 -17.81 17.05
C PRO H 139 -1.28 -17.33 15.85
N ARG H 140 -0.16 -18.02 15.61
CA ARG H 140 0.67 -17.67 14.45
C ARG H 140 -0.11 -17.73 13.14
N SER H 141 -1.12 -18.60 13.05
CA SER H 141 -1.91 -18.71 11.83
C SER H 141 -2.60 -17.41 11.45
N TRP H 142 -2.79 -16.49 12.41
CA TRP H 142 -3.47 -15.23 12.11
C TRP H 142 -2.60 -14.28 11.30
N ASN H 143 -1.28 -14.47 11.29
CA ASN H 143 -0.35 -13.62 10.57
C ASN H 143 -0.54 -12.15 10.94
N THR H 144 -0.46 -11.88 12.25
CA THR H 144 -0.59 -10.54 12.79
C THR H 144 0.61 -10.22 13.66
N ASP H 145 0.73 -8.95 14.06
CA ASP H 145 1.88 -8.47 14.81
C ASP H 145 2.06 -9.26 16.09
N SER H 146 3.31 -9.34 16.55
CA SER H 146 3.61 -10.04 17.81
C SER H 146 3.04 -9.33 19.03
N SER H 147 2.68 -8.05 18.90
CA SER H 147 2.04 -7.33 20.01
C SER H 147 0.64 -7.84 20.29
N CYS H 148 0.06 -8.58 19.37
CA CYS H 148 -1.29 -9.10 19.52
C CYS H 148 -1.40 -10.00 20.76
N LYS H 149 -2.49 -9.86 21.50
CA LYS H 149 -2.80 -10.76 22.60
C LYS H 149 -4.31 -11.05 22.63
N LEU H 150 -4.68 -12.07 23.39
CA LEU H 150 -6.01 -12.66 23.34
C LEU H 150 -6.95 -12.19 24.44
N GLU H 151 -6.51 -12.24 25.70
CA GLU H 151 -7.38 -12.05 26.86
C GLU H 151 -6.90 -10.91 27.74
N LEU H 152 -7.85 -10.11 28.22
CA LEU H 152 -7.62 -9.15 29.28
C LEU H 152 -8.03 -9.80 30.61
N LEU H 153 -7.05 -10.19 31.42
CA LEU H 153 -7.29 -10.91 32.66
C LEU H 153 -7.05 -9.98 33.85
N GLN H 154 -6.67 -10.56 34.99
CA GLN H 154 -6.38 -9.79 36.22
C GLN H 154 -7.60 -9.01 36.68
N ASN H 155 -8.80 -9.50 36.32
CA ASN H 155 -10.06 -8.84 36.63
C ASN H 155 -10.13 -7.43 36.08
N ARG H 156 -9.27 -7.08 35.13
CA ARG H 156 -9.35 -5.78 34.49
C ARG H 156 -10.48 -5.78 33.46
N ASN H 157 -10.93 -4.57 33.14
CA ASN H 157 -12.01 -4.36 32.20
C ASN H 157 -11.70 -3.19 31.29
N VAL H 158 -12.37 -3.16 30.13
CA VAL H 158 -12.34 -2.03 29.22
C VAL H 158 -13.70 -1.36 29.24
N LYS H 159 -13.69 -0.03 29.22
CA LYS H 159 -14.88 0.82 29.25
C LYS H 159 -14.95 1.57 27.93
N LEU H 160 -15.96 1.24 27.13
CA LEU H 160 -16.24 1.95 25.89
C LEU H 160 -17.45 2.86 26.08
N THR H 161 -17.28 4.15 25.82
CA THR H 161 -18.37 5.11 25.93
C THR H 161 -18.58 5.74 24.56
N VAL H 162 -19.78 5.54 23.99
CA VAL H 162 -20.13 6.07 22.67
C VAL H 162 -21.27 7.07 22.85
N ASN H 163 -20.98 8.34 22.60
CA ASN H 163 -22.00 9.38 22.70
C ASN H 163 -22.28 10.01 21.34
C1 NAG I . 28.92 10.61 -7.28
C2 NAG I . 28.73 11.34 -5.94
C3 NAG I . 30.04 12.00 -5.51
C4 NAG I . 31.20 11.01 -5.54
C5 NAG I . 31.28 10.27 -6.88
C6 NAG I . 32.31 9.17 -6.90
C7 NAG I . 26.52 12.25 -5.34
C8 NAG I . 25.56 13.40 -5.53
N2 NAG I . 27.67 12.34 -6.02
O3 NAG I . 29.88 12.51 -4.19
O4 NAG I . 32.41 11.72 -5.33
O5 NAG I . 30.01 9.67 -7.17
O6 NAG I . 31.95 8.05 -6.09
O7 NAG I . 26.27 11.30 -4.61
C1 NAG I . 33.11 11.15 -4.19
C2 NAG I . 34.32 12.04 -3.89
C3 NAG I . 35.10 11.50 -2.68
C4 NAG I . 34.18 11.06 -1.52
C5 NAG I . 32.90 10.37 -2.00
C6 NAG I . 31.88 10.22 -0.89
C7 NAG I . 35.21 13.15 -5.89
C8 NAG I . 36.16 13.04 -7.04
N2 NAG I . 35.18 12.11 -5.06
O3 NAG I . 36.01 12.50 -2.25
O4 NAG I . 34.87 10.10 -0.73
O5 NAG I . 32.29 11.11 -3.05
O6 NAG I . 31.50 11.48 -0.35
O7 NAG I . 34.50 14.13 -5.73
C1 BMA I . 35.72 10.65 0.29
C2 BMA I . 35.82 9.64 1.45
C3 BMA I . 36.75 10.19 2.54
C4 BMA I . 38.06 10.83 1.95
C5 BMA I . 37.82 11.67 0.67
C6 BMA I . 39.13 12.01 -0.04
O2 BMA I . 36.38 8.42 1.01
O3 BMA I . 37.11 9.19 3.52
O4 BMA I . 38.62 11.69 2.90
O5 BMA I . 37.00 10.93 -0.23
O6 BMA I . 39.03 13.29 -0.64
C1 MAN I . 36.02 8.86 4.43
C2 MAN I . 36.35 9.44 5.91
C3 MAN I . 36.95 8.38 6.87
C4 MAN I . 36.28 7.04 6.69
C5 MAN I . 36.55 6.61 5.25
C6 MAN I . 36.23 5.16 4.95
O2 MAN I . 35.18 9.94 6.58
O3 MAN I . 36.88 8.80 8.24
O4 MAN I . 36.80 6.10 7.62
O5 MAN I . 35.74 7.45 4.40
O6 MAN I . 36.51 4.94 3.57
C1 MAN I . 39.43 13.20 -2.01
C2 MAN I . 40.78 13.89 -2.13
C3 MAN I . 40.61 15.39 -1.88
C4 MAN I . 39.46 16.00 -2.72
C5 MAN I . 38.18 15.18 -2.51
C6 MAN I . 37.00 15.64 -3.36
O2 MAN I . 41.34 13.75 -3.44
O3 MAN I . 41.81 16.11 -2.11
O4 MAN I . 39.22 17.35 -2.34
O5 MAN I . 38.46 13.80 -2.84
O6 MAN I . 36.16 16.48 -2.58
C1 NAG J . 0.73 -33.56 3.75
C2 NAG J . 0.80 -32.04 3.91
C3 NAG J . 1.46 -31.68 5.25
C4 NAG J . 0.73 -32.36 6.40
C5 NAG J . 0.65 -33.87 6.17
C6 NAG J . -0.16 -34.61 7.21
C7 NAG J . 1.00 -30.43 2.06
C8 NAG J . 1.88 -29.91 0.96
N2 NAG J . 1.52 -31.42 2.81
O3 NAG J . 1.43 -30.27 5.40
O4 NAG J . 1.46 -32.12 7.61
O5 NAG J . 0.04 -34.14 4.89
O6 NAG J . -1.46 -34.04 7.39
O7 NAG J . -0.12 -29.98 2.27
C1 NAG J . 0.64 -31.61 8.70
C2 NAG J . 1.59 -31.27 9.85
C3 NAG J . 0.82 -30.73 11.04
C4 NAG J . -0.09 -29.57 10.63
C5 NAG J . -0.95 -29.96 9.43
C6 NAG J . -1.75 -28.81 8.87
C7 NAG J . 3.58 -32.72 9.68
C8 NAG J . 4.26 -33.95 10.21
N2 NAG J . 2.39 -32.43 10.24
O3 NAG J . 1.71 -30.30 12.06
O4 NAG J . -0.93 -29.20 11.71
O5 NAG J . -0.13 -30.45 8.35
O6 NAG J . -2.40 -29.14 7.66
O7 NAG J . 4.08 -32.01 8.81
C1 NAG K . 6.96 13.68 -1.80
C2 NAG K . 7.32 12.44 -0.97
C3 NAG K . 6.16 12.05 -0.06
C4 NAG K . 5.71 13.23 0.79
C5 NAG K . 5.38 14.43 -0.10
C6 NAG K . 5.05 15.68 0.70
C7 NAG K . 8.68 10.46 -1.52
C8 NAG K . 8.92 9.36 -2.52
N2 NAG K . 7.71 11.32 -1.81
O3 NAG K . 6.55 10.97 0.78
O4 NAG K . 4.57 12.88 1.55
O5 NAG K . 6.51 14.75 -0.92
O6 NAG K . 6.02 16.71 0.51
O7 NAG K . 9.35 10.56 -0.49
C1 NAG L . 24.76 22.59 -28.98
C2 NAG L . 25.94 23.59 -29.00
C3 NAG L . 25.51 24.95 -28.46
C4 NAG L . 24.28 25.46 -29.18
C5 NAG L . 23.16 24.43 -29.08
C6 NAG L . 21.92 24.82 -29.85
C7 NAG L . 27.90 22.13 -28.71
C8 NAG L . 28.99 21.72 -27.79
N2 NAG L . 27.06 23.07 -28.24
O3 NAG L . 26.60 25.86 -28.61
O4 NAG L . 23.83 26.69 -28.62
O5 NAG L . 23.61 23.18 -29.63
O6 NAG L . 21.17 23.70 -30.26
O7 NAG L . 27.77 21.65 -29.83
C1 NAG M . 37.64 42.50 -10.47
C2 NAG M . 37.16 41.96 -11.83
C3 NAG M . 38.35 41.64 -12.74
C4 NAG M . 39.28 42.84 -12.85
C5 NAG M . 39.71 43.30 -11.47
C6 NAG M . 40.55 44.56 -11.49
C7 NAG M . 35.11 40.65 -12.25
C8 NAG M . 34.39 39.37 -11.99
N2 NAG M . 36.31 40.78 -11.68
O3 NAG M . 37.88 41.26 -14.03
O4 NAG M . 40.42 42.50 -13.62
O5 NAG M . 38.54 43.61 -10.68
O6 NAG M . 41.93 44.26 -11.62
O7 NAG M . 34.62 41.54 -12.94
#